data_8HR1
#
_entry.id   8HR1
#
_cell.length_a   1.00
_cell.length_b   1.00
_cell.length_c   1.00
_cell.angle_alpha   90.00
_cell.angle_beta   90.00
_cell.angle_gamma   90.00
#
_symmetry.space_group_name_H-M   'P 1'
#
loop_
_entity.id
_entity.type
_entity.pdbx_description
1 polymer 'Histone H3'
2 polymer 'Histone H4'
3 polymer 'Histone H2A type 1-B/E'
4 polymer 'Histone H2B type 1-K'
5 polymer SSX1
6 polymer 'DNA (147-MER)'
7 polymer 'DNA (147-MER)'
#
loop_
_entity_poly.entity_id
_entity_poly.type
_entity_poly.pdbx_seq_one_letter_code
_entity_poly.pdbx_strand_id
1 'polypeptide(L)'
;PHRYRPGTVALREIRRYQKSTELLIRKLPFQRLVREIAQDFKTDLRFQSSAVMALQEASEAYLVGLFEDTNLSAIHAKRV
TIMPKDIQLARRIRGER
;
A,E
2 'polypeptide(L)'
;RKVLRDNIQGITKPAIRRLARRGGVKRISGLIYEETRGVLKVFLENVIRDAVTYTEHAKRKTVTAMDVVYALKRQGRTLY
GFG
;
B,F
3 'polypeptide(L)'
;KAKTRSSRAGLQFPVGRVHRLLRKGNYSERVGAGAPVYLAAVLEYLTAEILELAGNAARDNKKTRIIPRHLQLAIRNDEE
LNKLLGRVTIAQGGVLPNIQAVLLPKC
;
C,G
4 'polypeptide(L)'
;KESYSVYVYKVLKQVHPDTGISSKAMGIMNSFVNDIFERIAGEASRLAHYNKRSTITSREIQTAVRLLLPGELAKHAVSE
GTKAVTKYTSA
;
D,H
5 'polypeptide(L)' HAWTHRLRERKQLV S
6 'polydeoxyribonucleotide'
;(DA)(DC)(DA)(DG)(DG)(DA)(DT)(DG)(DT)(DA)(DT)(DA)(DT)(DA)(DT)(DC)(DT)(DG)(DA)(DC)
(DA)(DC)(DG)(DT)(DG)(DC)(DC)(DT)(DG)(DG)(DA)(DG)(DA)(DC)(DT)(DA)(DG)(DG)(DG)(DA)
(DG)(DT)(DA)(DA)(DT)(DC)(DC)(DC)(DC)(DT)(DT)(DG)(DG)(DC)(DG)(DG)(DT)(DT)(DA)(DA)
(DA)(DA)(DC)(DG)(DC)(DG)(DG)(DG)(DG)(DG)(DA)(DC)(DA)(DG)(DC)(DG)(DC)(DG)(DT)(DA)
(DC)(DG)(DT)(DG)(DC)(DG)(DT)(DT)(DT)(DA)(DA)(DG)(DC)(DG)(DG)(DT)(DG)(DC)(DT)(DA)
(DG)(DA)(DG)(DC)(DT)(DG)(DT)(DC)(DT)(DA)(DC)(DG)(DA)(DC)(DC)(DA)(DA)(DT)(DT)(DG)
(DA)(DG)(DC)(DG)(DG)(DC)(DC)(DT)(DC)(DG)(DG)(DC)(DA)(DC)(DC)(DG)(DG)(DG)(DA)(DT)
(DT)(DC)(DT)(DC)(DC)(DA)(DG)
;
I
7 'polydeoxyribonucleotide'
;(DC)(DT)(DG)(DG)(DA)(DG)(DA)(DA)(DT)(DC)(DC)(DC)(DG)(DG)(DT)(DG)(DC)(DC)(DG)(DA)
(DG)(DG)(DC)(DC)(DG)(DC)(DT)(DC)(DA)(DA)(DT)(DT)(DG)(DG)(DT)(DC)(DG)(DT)(DA)(DG)
(DA)(DC)(DA)(DG)(DC)(DT)(DC)(DT)(DA)(DG)(DC)(DA)(DC)(DC)(DG)(DC)(DT)(DT)(DA)(DA)
(DA)(DC)(DG)(DC)(DA)(DC)(DG)(DT)(DA)(DC)(DG)(DC)(DG)(DC)(DT)(DG)(DT)(DC)(DC)(DC)
(DC)(DC)(DG)(DC)(DG)(DT)(DT)(DT)(DT)(DA)(DA)(DC)(DC)(DG)(DC)(DC)(DA)(DA)(DG)(DG)
(DG)(DG)(DA)(DT)(DT)(DA)(DC)(DT)(DC)(DC)(DC)(DT)(DA)(DG)(DT)(DC)(DT)(DC)(DC)(DA)
(DG)(DG)(DC)(DA)(DC)(DG)(DT)(DG)(DT)(DC)(DA)(DG)(DA)(DT)(DA)(DT)(DA)(DT)(DA)(DC)
(DA)(DT)(DC)(DC)(DT)(DG)(DT)
;
J
#
loop_
_chem_comp.id
_chem_comp.type
_chem_comp.name
_chem_comp.formula
DA DNA linking 2'-DEOXYADENOSINE-5'-MONOPHOSPHATE 'C10 H14 N5 O6 P'
DC DNA linking 2'-DEOXYCYTIDINE-5'-MONOPHOSPHATE 'C9 H14 N3 O7 P'
DG DNA linking 2'-DEOXYGUANOSINE-5'-MONOPHOSPHATE 'C10 H14 N5 O7 P'
DT DNA linking THYMIDINE-5'-MONOPHOSPHATE 'C10 H15 N2 O8 P'
#
# COMPACT_ATOMS: atom_id res chain seq x y z
N PRO A 1 22.44 34.03 37.94
CA PRO A 1 23.03 33.80 36.63
C PRO A 1 21.99 33.80 35.52
N HIS A 2 22.43 33.65 34.28
CA HIS A 2 21.50 33.60 33.16
C HIS A 2 20.86 32.24 33.05
N ARG A 3 19.58 32.23 32.69
CA ARG A 3 18.83 30.99 32.58
C ARG A 3 17.67 31.22 31.62
N TYR A 4 17.55 30.37 30.62
CA TYR A 4 16.47 30.53 29.66
C TYR A 4 15.15 30.03 30.24
N ARG A 5 14.07 30.49 29.63
CA ARG A 5 12.75 30.03 30.04
C ARG A 5 12.53 28.60 29.59
N PRO A 6 11.70 27.84 30.29
CA PRO A 6 11.46 26.45 29.90
C PRO A 6 10.63 26.32 28.63
N GLY A 7 11.32 26.32 27.50
CA GLY A 7 10.67 26.15 26.22
C GLY A 7 11.37 26.90 25.11
N THR A 8 12.27 27.82 25.46
CA THR A 8 13.04 28.50 24.44
C THR A 8 14.20 27.65 23.96
N VAL A 9 14.79 26.84 24.83
CA VAL A 9 15.83 25.92 24.41
C VAL A 9 15.22 24.81 23.58
N ALA A 10 13.97 24.45 23.88
CA ALA A 10 13.26 23.43 23.11
C ALA A 10 13.04 23.88 21.67
N LEU A 11 12.59 25.11 21.48
CA LEU A 11 12.44 25.64 20.13
C LEU A 11 13.77 25.90 19.46
N ARG A 12 14.83 26.08 20.25
CA ARG A 12 16.16 26.22 19.67
C ARG A 12 16.61 24.92 19.04
N GLU A 13 16.29 23.79 19.68
CA GLU A 13 16.73 22.50 19.16
C GLU A 13 15.91 22.04 17.98
N ILE A 14 14.64 22.42 17.92
CA ILE A 14 13.81 22.05 16.78
C ILE A 14 14.30 22.73 15.52
N ARG A 15 14.72 23.98 15.63
CA ARG A 15 15.36 24.63 14.50
C ARG A 15 16.72 24.02 14.19
N ARG A 16 17.36 23.42 15.16
CA ARG A 16 18.66 22.82 14.93
C ARG A 16 18.53 21.49 14.20
N TYR A 17 17.72 20.57 14.73
CA TYR A 17 17.68 19.23 14.17
C TYR A 17 16.86 19.15 12.89
N GLN A 18 15.95 20.08 12.65
CA GLN A 18 15.29 20.09 11.34
C GLN A 18 16.16 20.70 10.26
N LYS A 19 17.27 21.32 10.63
CA LYS A 19 18.16 21.91 9.65
C LYS A 19 19.18 20.93 9.13
N SER A 20 19.63 20.00 9.95
CA SER A 20 20.69 19.07 9.58
C SER A 20 20.15 17.66 9.42
N THR A 21 20.95 16.82 8.78
CA THR A 21 20.49 15.51 8.32
C THR A 21 21.33 14.36 8.84
N GLU A 22 21.99 14.50 9.98
CA GLU A 22 22.79 13.37 10.44
C GLU A 22 21.90 12.33 11.11
N LEU A 23 22.46 11.15 11.28
CA LEU A 23 21.76 10.08 11.97
C LEU A 23 21.85 10.32 13.47
N LEU A 24 20.72 10.18 14.17
CA LEU A 24 20.65 10.67 15.53
C LEU A 24 20.76 9.60 16.59
N ILE A 25 20.56 8.35 16.25
CA ILE A 25 20.84 7.27 17.19
C ILE A 25 22.31 6.94 17.09
N ARG A 26 22.94 6.69 18.24
CA ARG A 26 24.33 6.23 18.24
C ARG A 26 24.41 4.88 17.55
N LYS A 27 25.48 4.68 16.77
CA LYS A 27 25.52 3.57 15.84
C LYS A 27 25.68 2.24 16.55
N LEU A 28 26.73 2.13 17.37
CA LEU A 28 27.03 0.87 18.04
C LEU A 28 25.94 0.31 18.96
N PRO A 29 25.07 1.08 19.63
CA PRO A 29 23.93 0.42 20.25
C PRO A 29 22.87 -0.02 19.26
N PHE A 30 22.67 0.74 18.18
CA PHE A 30 21.72 0.30 17.16
C PHE A 30 22.25 -0.92 16.43
N GLN A 31 23.55 -0.90 16.09
CA GLN A 31 24.20 -2.00 15.39
C GLN A 31 24.30 -3.24 16.26
N ARG A 32 24.05 -3.10 17.55
CA ARG A 32 23.91 -4.21 18.47
C ARG A 32 22.47 -4.65 18.63
N LEU A 33 21.50 -3.76 18.38
CA LEU A 33 20.09 -4.14 18.44
C LEU A 33 19.71 -5.11 17.35
N VAL A 34 20.24 -4.90 16.15
CA VAL A 34 19.79 -5.69 15.00
C VAL A 34 20.24 -7.13 15.16
N ARG A 35 21.38 -7.35 15.79
CA ARG A 35 21.79 -8.71 16.08
C ARG A 35 21.04 -9.30 17.26
N GLU A 36 20.35 -8.49 18.08
CA GLU A 36 19.45 -9.10 19.05
C GLU A 36 18.24 -9.70 18.37
N ILE A 37 17.71 -8.99 17.37
CA ILE A 37 16.48 -9.44 16.74
C ILE A 37 16.77 -10.57 15.78
N ALA A 38 17.91 -10.52 15.10
CA ALA A 38 18.24 -11.52 14.10
C ALA A 38 18.54 -12.89 14.70
N GLN A 39 18.92 -12.95 15.98
CA GLN A 39 19.11 -14.24 16.62
C GLN A 39 17.83 -15.01 16.78
N ASP A 40 16.70 -14.33 16.82
CA ASP A 40 15.43 -15.03 16.94
C ASP A 40 14.90 -15.54 15.62
N PHE A 41 15.63 -15.37 14.54
CA PHE A 41 15.21 -15.92 13.26
C PHE A 41 16.20 -16.89 12.67
N LYS A 42 17.48 -16.56 12.67
CA LYS A 42 18.50 -17.50 12.23
C LYS A 42 19.77 -17.20 12.98
N THR A 43 20.32 -18.22 13.62
CA THR A 43 21.55 -18.04 14.38
C THR A 43 22.73 -17.87 13.45
N ASP A 44 23.71 -17.09 13.92
CA ASP A 44 25.00 -16.86 13.26
C ASP A 44 24.80 -16.22 11.88
N LEU A 45 24.20 -15.04 11.89
CA LEU A 45 24.07 -14.24 10.69
C LEU A 45 25.18 -13.19 10.65
N ARG A 46 25.44 -12.71 9.44
CA ARG A 46 26.44 -11.69 9.21
C ARG A 46 25.77 -10.54 8.49
N PHE A 47 26.29 -9.34 8.70
CA PHE A 47 25.68 -8.13 8.19
C PHE A 47 26.68 -7.33 7.38
N GLN A 48 26.26 -6.88 6.21
CA GLN A 48 27.03 -5.85 5.55
C GLN A 48 26.91 -4.56 6.35
N SER A 49 27.96 -3.74 6.29
CA SER A 49 27.95 -2.48 7.03
C SER A 49 26.94 -1.52 6.45
N SER A 50 26.74 -1.57 5.13
CA SER A 50 25.71 -0.75 4.52
C SER A 50 24.32 -1.28 4.81
N ALA A 51 24.19 -2.56 5.15
CA ALA A 51 22.88 -3.10 5.49
C ALA A 51 22.39 -2.57 6.81
N VAL A 52 23.28 -2.36 7.77
CA VAL A 52 22.87 -1.79 9.04
C VAL A 52 22.55 -0.32 8.89
N MET A 53 23.33 0.39 8.05
CA MET A 53 23.08 1.81 7.83
C MET A 53 21.77 2.05 7.10
N ALA A 54 21.32 1.07 6.31
CA ALA A 54 19.98 1.16 5.76
C ALA A 54 18.93 0.98 6.84
N LEU A 55 19.25 0.25 7.90
CA LEU A 55 18.26 0.03 8.93
C LEU A 55 18.15 1.18 9.90
N GLN A 56 19.19 1.98 10.09
CA GLN A 56 19.00 3.23 10.80
C GLN A 56 18.13 4.16 10.01
N GLU A 57 18.48 4.38 8.76
CA GLU A 57 17.98 5.54 8.06
C GLU A 57 16.57 5.31 7.53
N ALA A 58 16.08 4.08 7.63
CA ALA A 58 14.65 3.85 7.46
C ALA A 58 13.92 3.96 8.79
N SER A 59 14.50 3.43 9.86
CA SER A 59 13.82 3.45 11.14
C SER A 59 13.80 4.84 11.75
N GLU A 60 14.87 5.61 11.55
CA GLU A 60 14.84 7.00 11.98
C GLU A 60 13.86 7.81 11.16
N ALA A 61 13.75 7.51 9.87
CA ALA A 61 12.72 8.16 9.07
C ALA A 61 11.33 7.68 9.44
N TYR A 62 11.22 6.49 10.00
CA TYR A 62 9.92 6.01 10.46
C TYR A 62 9.50 6.72 11.74
N LEU A 63 10.41 6.85 12.69
CA LEU A 63 10.04 7.41 13.98
C LEU A 63 9.76 8.90 13.90
N VAL A 64 10.47 9.62 13.03
CA VAL A 64 10.14 11.01 12.79
C VAL A 64 8.78 11.13 12.13
N GLY A 65 8.40 10.15 11.33
CA GLY A 65 7.05 10.12 10.80
C GLY A 65 5.98 9.94 11.86
N LEU A 66 6.30 9.25 12.95
CA LEU A 66 5.36 9.20 14.06
C LEU A 66 5.27 10.54 14.78
N PHE A 67 6.41 11.12 15.14
CA PHE A 67 6.37 12.32 15.96
C PHE A 67 5.86 13.54 15.21
N GLU A 68 5.77 13.49 13.89
CA GLU A 68 5.00 14.52 13.20
C GLU A 68 3.51 14.31 13.41
N ASP A 69 3.08 13.05 13.53
CA ASP A 69 1.67 12.77 13.65
C ASP A 69 1.18 12.78 15.09
N THR A 70 2.03 12.32 16.02
CA THR A 70 1.65 12.40 17.43
C THR A 70 1.64 13.84 17.91
N ASN A 71 2.43 14.70 17.27
CA ASN A 71 2.38 16.12 17.59
C ASN A 71 1.04 16.71 17.19
N LEU A 72 0.52 16.29 16.03
CA LEU A 72 -0.78 16.78 15.59
C LEU A 72 -1.91 16.27 16.46
N SER A 73 -1.80 15.03 16.93
CA SER A 73 -2.82 14.50 17.82
C SER A 73 -2.68 15.02 19.24
N ALA A 74 -1.62 15.76 19.54
CA ALA A 74 -1.49 16.44 20.81
C ALA A 74 -1.86 17.91 20.73
N ILE A 75 -1.66 18.53 19.57
CA ILE A 75 -2.22 19.85 19.35
C ILE A 75 -3.74 19.78 19.29
N HIS A 76 -4.26 18.81 18.57
CA HIS A 76 -5.63 18.37 18.77
C HIS A 76 -5.74 17.86 20.19
N ALA A 77 -6.89 18.12 20.83
CA ALA A 77 -7.15 18.02 22.28
C ALA A 77 -6.35 19.03 23.08
N LYS A 78 -5.76 20.03 22.43
CA LYS A 78 -5.35 21.29 23.04
C LYS A 78 -4.28 21.11 24.10
N ARG A 79 -3.26 20.33 23.79
CA ARG A 79 -2.13 20.16 24.66
C ARG A 79 -0.85 20.53 23.93
N VAL A 80 0.24 20.56 24.69
CA VAL A 80 1.57 20.79 24.14
C VAL A 80 2.47 19.58 24.36
N THR A 81 2.37 18.96 25.53
CA THR A 81 3.08 17.71 25.78
C THR A 81 2.48 16.60 24.94
N ILE A 82 3.21 15.49 24.85
CA ILE A 82 2.73 14.32 24.15
C ILE A 82 2.60 13.20 25.16
N MET A 83 1.43 12.75 25.37
CA MET A 83 1.21 11.57 26.18
C MET A 83 1.28 10.35 25.28
N PRO A 84 1.49 9.15 25.83
CA PRO A 84 1.46 7.95 24.99
C PRO A 84 0.08 7.56 24.48
N LYS A 85 -0.98 8.31 24.82
CA LYS A 85 -2.22 8.21 24.08
C LYS A 85 -2.02 8.59 22.63
N ASP A 86 -1.16 9.58 22.38
CA ASP A 86 -0.99 10.13 21.05
C ASP A 86 -0.32 9.14 20.11
N ILE A 87 0.66 8.39 20.62
CA ILE A 87 1.30 7.37 19.81
C ILE A 87 0.34 6.24 19.51
N GLN A 88 -0.45 5.85 20.50
CA GLN A 88 -1.42 4.78 20.31
C GLN A 88 -2.54 5.21 19.38
N LEU A 89 -2.86 6.50 19.34
CA LEU A 89 -3.88 6.94 18.40
C LEU A 89 -3.32 7.06 17.00
N ALA A 90 -2.17 7.72 16.84
CA ALA A 90 -1.64 7.85 15.49
C ALA A 90 -0.76 6.68 15.10
N ARG A 91 -1.22 5.48 15.41
CA ARG A 91 -0.85 4.25 14.75
C ARG A 91 -2.06 3.43 14.44
N ARG A 92 -3.15 3.63 15.19
CA ARG A 92 -4.38 2.92 14.93
C ARG A 92 -5.16 3.61 13.82
N ILE A 93 -4.91 4.90 13.59
CA ILE A 93 -5.47 5.54 12.41
C ILE A 93 -4.72 5.11 11.17
N ARG A 94 -3.40 4.97 11.27
CA ARG A 94 -2.63 4.47 10.15
C ARG A 94 -2.92 3.02 9.84
N GLY A 95 -3.43 2.25 10.80
CA GLY A 95 -3.70 0.86 10.56
C GLY A 95 -2.48 0.02 10.82
N GLU A 96 -1.91 0.15 12.01
CA GLU A 96 -0.75 -0.62 12.40
C GLU A 96 -1.02 -1.48 13.62
N ARG A 97 -2.20 -1.37 14.22
CA ARG A 97 -2.52 -2.13 15.42
C ARG A 97 -3.60 -3.15 15.14
N ARG B 1 27.75 -11.41 24.72
CA ARG B 1 28.66 -11.86 23.68
C ARG B 1 27.95 -12.79 22.70
N LYS B 2 27.32 -13.84 23.25
CA LYS B 2 26.57 -14.77 22.40
C LYS B 2 25.08 -14.49 22.47
N VAL B 3 24.51 -14.47 23.67
CA VAL B 3 23.08 -14.32 23.87
C VAL B 3 22.63 -12.87 23.60
N LEU B 4 23.50 -11.90 23.92
CA LEU B 4 23.34 -10.48 23.58
C LEU B 4 22.03 -9.92 24.17
N ARG B 5 22.02 -9.81 25.49
CA ARG B 5 20.79 -9.49 26.22
C ARG B 5 20.61 -7.98 26.38
N ASP B 6 19.39 -7.52 26.07
CA ASP B 6 18.83 -6.22 26.49
C ASP B 6 19.66 -5.04 25.97
N ASN B 7 19.62 -4.88 24.65
CA ASN B 7 20.18 -3.68 24.05
C ASN B 7 19.10 -2.72 23.59
N ILE B 8 17.84 -2.98 23.94
CA ILE B 8 16.80 -2.02 23.64
C ILE B 8 16.92 -0.79 24.51
N GLN B 9 17.55 -0.91 25.67
CA GLN B 9 17.90 0.24 26.48
C GLN B 9 19.07 1.02 25.91
N GLY B 10 19.72 0.50 24.86
CA GLY B 10 20.75 1.26 24.18
C GLY B 10 20.22 2.49 23.48
N ILE B 11 18.94 2.50 23.11
CA ILE B 11 18.32 3.72 22.62
C ILE B 11 17.99 4.57 23.85
N THR B 12 18.78 5.60 24.07
CA THR B 12 18.69 6.35 25.31
C THR B 12 17.55 7.36 25.24
N LYS B 13 17.32 8.02 26.38
CA LYS B 13 16.38 9.13 26.41
C LYS B 13 16.76 10.29 25.50
N PRO B 14 17.99 10.84 25.50
CA PRO B 14 18.25 11.95 24.58
C PRO B 14 18.31 11.55 23.13
N ALA B 15 18.48 10.26 22.84
CA ALA B 15 18.36 9.81 21.45
C ALA B 15 16.94 9.93 20.96
N ILE B 16 15.97 9.62 21.83
CA ILE B 16 14.57 9.75 21.46
C ILE B 16 14.18 11.22 21.36
N ARG B 17 14.75 12.04 22.23
CA ARG B 17 14.42 13.46 22.23
C ARG B 17 14.92 14.15 20.97
N ARG B 18 16.03 13.70 20.41
CA ARG B 18 16.47 14.25 19.13
C ARG B 18 15.51 13.87 18.01
N LEU B 19 15.02 12.64 18.03
CA LEU B 19 14.08 12.21 17.01
C LEU B 19 12.77 12.93 17.12
N ALA B 20 12.35 13.26 18.36
CA ALA B 20 11.11 13.98 18.52
C ALA B 20 11.23 15.40 18.02
N ARG B 21 12.40 16.00 18.12
CA ARG B 21 12.48 17.40 17.74
C ARG B 21 12.71 17.60 16.26
N ARG B 22 12.89 16.53 15.49
CA ARG B 22 12.73 16.69 14.06
C ARG B 22 11.26 16.80 13.70
N GLY B 23 10.40 16.12 14.44
CA GLY B 23 8.98 16.23 14.24
C GLY B 23 8.37 17.52 14.73
N GLY B 24 9.13 18.35 15.42
CA GLY B 24 8.59 19.59 15.90
C GLY B 24 7.85 19.40 17.20
N VAL B 25 8.44 18.66 18.13
CA VAL B 25 7.83 18.37 19.41
C VAL B 25 8.47 19.27 20.46
N LYS B 26 7.67 20.07 21.14
CA LYS B 26 8.24 21.00 22.09
C LYS B 26 8.30 20.43 23.50
N ARG B 27 7.32 19.63 23.89
CA ARG B 27 7.26 19.05 25.22
C ARG B 27 7.08 17.55 25.11
N ILE B 28 7.77 16.82 25.97
CA ILE B 28 7.81 15.36 25.92
C ILE B 28 7.49 14.84 27.30
N SER B 29 6.45 14.03 27.41
CA SER B 29 6.16 13.43 28.70
C SER B 29 7.07 12.25 28.95
N GLY B 30 7.16 11.85 30.21
CA GLY B 30 8.10 10.83 30.60
C GLY B 30 7.74 9.43 30.21
N LEU B 31 6.53 9.19 29.73
CA LEU B 31 6.09 7.86 29.38
C LEU B 31 6.20 7.56 27.91
N ILE B 32 6.70 8.51 27.11
CA ILE B 32 6.93 8.23 25.70
C ILE B 32 8.05 7.22 25.54
N TYR B 33 9.06 7.30 26.40
CA TYR B 33 10.32 6.61 26.18
C TYR B 33 10.14 5.09 26.22
N GLU B 34 9.32 4.60 27.13
CA GLU B 34 9.10 3.16 27.14
C GLU B 34 8.23 2.73 25.97
N GLU B 35 7.34 3.60 25.50
CA GLU B 35 6.52 3.28 24.35
C GLU B 35 7.34 3.26 23.07
N THR B 36 8.25 4.21 22.93
CA THR B 36 8.99 4.34 21.68
C THR B 36 9.96 3.19 21.49
N ARG B 37 10.56 2.71 22.58
CA ARG B 37 11.29 1.45 22.55
C ARG B 37 10.42 0.31 22.07
N GLY B 38 9.18 0.25 22.55
CA GLY B 38 8.28 -0.80 22.12
C GLY B 38 7.83 -0.67 20.68
N VAL B 39 7.84 0.54 20.12
CA VAL B 39 7.34 0.71 18.77
C VAL B 39 8.36 0.23 17.75
N LEU B 40 9.59 0.73 17.80
CA LEU B 40 10.52 0.33 16.77
C LEU B 40 11.06 -1.07 16.98
N LYS B 41 10.86 -1.63 18.18
CA LYS B 41 11.04 -3.06 18.38
C LYS B 41 10.17 -3.85 17.43
N VAL B 42 8.88 -3.53 17.37
CA VAL B 42 8.01 -4.27 16.47
C VAL B 42 8.12 -3.76 15.05
N PHE B 43 8.72 -2.59 14.84
CA PHE B 43 8.99 -2.16 13.47
C PHE B 43 10.16 -2.93 12.89
N LEU B 44 11.23 -3.09 13.66
CA LEU B 44 12.40 -3.78 13.14
C LEU B 44 12.15 -5.28 12.99
N GLU B 45 11.28 -5.85 13.80
CA GLU B 45 10.95 -7.26 13.64
C GLU B 45 10.21 -7.52 12.34
N ASN B 46 9.42 -6.57 11.87
CA ASN B 46 8.73 -6.78 10.61
C ASN B 46 9.65 -6.58 9.43
N VAL B 47 10.75 -5.87 9.61
CA VAL B 47 11.67 -5.69 8.50
C VAL B 47 12.70 -6.80 8.46
N ILE B 48 13.19 -7.21 9.62
CA ILE B 48 14.23 -8.24 9.67
C ILE B 48 13.66 -9.60 9.29
N ARG B 49 12.44 -9.91 9.71
CA ARG B 49 11.87 -11.20 9.34
C ARG B 49 11.54 -11.29 7.86
N ASP B 50 11.50 -10.17 7.15
CA ASP B 50 11.45 -10.21 5.70
C ASP B 50 12.84 -10.31 5.12
N ALA B 51 13.77 -9.49 5.62
CA ALA B 51 15.09 -9.40 5.01
C ALA B 51 15.91 -10.65 5.24
N VAL B 52 15.66 -11.36 6.34
CA VAL B 52 16.34 -12.64 6.56
C VAL B 52 15.84 -13.67 5.56
N THR B 53 14.54 -13.70 5.30
CA THR B 53 13.98 -14.69 4.39
C THR B 53 14.38 -14.45 2.94
N TYR B 54 14.82 -13.25 2.59
CA TYR B 54 15.48 -13.11 1.29
C TYR B 54 16.84 -13.78 1.30
N THR B 55 17.56 -13.69 2.41
CA THR B 55 18.89 -14.28 2.46
C THR B 55 18.84 -15.79 2.55
N GLU B 56 17.86 -16.32 3.29
CA GLU B 56 17.71 -17.76 3.35
C GLU B 56 17.24 -18.32 2.03
N HIS B 57 16.52 -17.52 1.24
CA HIS B 57 16.15 -17.98 -0.09
C HIS B 57 17.33 -17.95 -1.03
N ALA B 58 18.25 -17.03 -0.85
CA ALA B 58 19.44 -17.00 -1.68
C ALA B 58 20.56 -17.87 -1.13
N LYS B 59 20.30 -18.59 -0.03
CA LYS B 59 21.25 -19.50 0.62
C LYS B 59 22.54 -18.79 1.03
N ARG B 60 22.42 -17.64 1.66
CA ARG B 60 23.58 -16.90 2.11
C ARG B 60 23.56 -16.74 3.61
N LYS B 61 24.75 -16.74 4.21
CA LYS B 61 24.85 -16.49 5.64
C LYS B 61 24.93 -15.02 5.98
N THR B 62 25.10 -14.16 4.98
CA THR B 62 25.15 -12.73 5.21
C THR B 62 23.82 -12.10 4.85
N VAL B 63 23.67 -10.83 5.20
CA VAL B 63 22.49 -10.04 4.83
C VAL B 63 22.98 -8.79 4.14
N THR B 64 22.60 -8.62 2.88
CA THR B 64 23.09 -7.48 2.14
C THR B 64 22.17 -6.29 2.34
N ALA B 65 22.66 -5.13 1.89
CA ALA B 65 21.84 -3.94 1.95
C ALA B 65 20.71 -4.00 0.95
N MET B 66 20.89 -4.73 -0.14
CA MET B 66 19.85 -4.85 -1.14
C MET B 66 18.68 -5.66 -0.63
N ASP B 67 18.94 -6.58 0.29
CA ASP B 67 17.86 -7.37 0.88
C ASP B 67 17.03 -6.52 1.82
N VAL B 68 17.65 -5.53 2.45
CA VAL B 68 16.89 -4.62 3.31
C VAL B 68 15.99 -3.74 2.47
N VAL B 69 16.48 -3.30 1.32
CA VAL B 69 15.69 -2.45 0.43
C VAL B 69 14.47 -3.20 -0.10
N TYR B 70 14.64 -4.48 -0.40
CA TYR B 70 13.53 -5.29 -0.86
C TYR B 70 12.51 -5.53 0.22
N ALA B 71 12.94 -5.56 1.48
CA ALA B 71 11.98 -5.69 2.57
C ALA B 71 11.21 -4.40 2.77
N LEU B 72 11.81 -3.26 2.45
CA LEU B 72 11.17 -1.97 2.69
C LEU B 72 10.37 -1.50 1.49
N LYS B 73 10.79 -1.88 0.28
CA LYS B 73 9.95 -1.69 -0.89
C LYS B 73 8.69 -2.51 -0.77
N ARG B 74 8.77 -3.64 -0.09
CA ARG B 74 7.62 -4.49 0.16
C ARG B 74 6.59 -3.80 1.03
N GLN B 75 7.02 -3.15 2.11
CA GLN B 75 6.09 -2.56 3.05
C GLN B 75 5.73 -1.13 2.71
N GLY B 76 5.92 -0.71 1.46
CA GLY B 76 5.56 0.63 1.05
C GLY B 76 6.42 1.71 1.64
N ARG B 77 7.69 1.42 1.92
CA ARG B 77 8.60 2.36 2.53
C ARG B 77 9.93 2.36 1.79
N THR B 78 9.87 2.57 0.48
CA THR B 78 11.02 2.43 -0.40
C THR B 78 12.15 3.39 -0.04
N LEU B 79 13.37 2.86 0.00
CA LEU B 79 14.57 3.65 0.18
C LEU B 79 15.15 4.07 -1.14
N TYR B 80 15.70 5.27 -1.17
CA TYR B 80 16.60 5.68 -2.24
C TYR B 80 17.99 5.87 -1.66
N GLY B 81 19.00 5.47 -2.42
CA GLY B 81 20.37 5.67 -2.01
C GLY B 81 21.08 4.42 -1.55
N PHE B 82 20.59 3.24 -1.88
CA PHE B 82 21.32 2.02 -1.58
C PHE B 82 21.26 1.02 -2.72
N GLY B 83 20.68 1.38 -3.86
CA GLY B 83 20.57 0.48 -4.98
C GLY B 83 19.15 0.29 -5.46
N LYS C 1 -6.52 -44.26 -16.58
CA LYS C 1 -5.56 -43.72 -17.54
C LYS C 1 -5.47 -42.20 -17.51
N ALA C 2 -6.55 -41.54 -17.08
CA ALA C 2 -6.54 -40.10 -16.95
C ALA C 2 -5.56 -39.66 -15.86
N LYS C 3 -5.89 -39.97 -14.60
CA LYS C 3 -5.09 -39.69 -13.41
C LYS C 3 -4.60 -38.24 -13.37
N THR C 4 -5.57 -37.34 -13.17
CA THR C 4 -5.28 -35.91 -13.10
C THR C 4 -4.29 -35.62 -11.98
N ARG C 5 -3.38 -34.69 -12.26
CA ARG C 5 -2.24 -34.47 -11.37
C ARG C 5 -2.65 -33.84 -10.06
N SER C 6 -3.83 -33.21 -10.00
CA SER C 6 -4.36 -32.77 -8.72
C SER C 6 -4.75 -33.95 -7.86
N SER C 7 -5.26 -35.01 -8.48
CA SER C 7 -5.58 -36.21 -7.73
C SER C 7 -4.33 -36.96 -7.28
N ARG C 8 -3.21 -36.78 -7.99
CA ARG C 8 -1.97 -37.35 -7.52
C ARG C 8 -1.48 -36.63 -6.28
N ALA C 9 -1.70 -35.32 -6.21
CA ALA C 9 -1.33 -34.55 -5.05
C ALA C 9 -2.33 -34.67 -3.92
N GLY C 10 -3.50 -35.24 -4.17
CA GLY C 10 -4.49 -35.35 -3.13
C GLY C 10 -5.13 -34.02 -2.81
N LEU C 11 -5.47 -33.25 -3.84
CA LEU C 11 -6.05 -31.93 -3.68
C LEU C 11 -7.42 -31.90 -4.35
N GLN C 12 -7.98 -30.69 -4.39
CA GLN C 12 -9.16 -30.43 -5.19
C GLN C 12 -9.00 -29.23 -6.11
N PHE C 13 -8.01 -28.41 -5.91
CA PHE C 13 -7.86 -27.32 -6.87
C PHE C 13 -7.14 -27.81 -8.12
N PRO C 14 -7.48 -27.27 -9.28
CA PRO C 14 -6.93 -27.81 -10.54
C PRO C 14 -5.48 -27.40 -10.72
N VAL C 15 -4.58 -28.38 -10.61
CA VAL C 15 -3.16 -28.09 -10.76
C VAL C 15 -2.86 -27.70 -12.20
N GLY C 16 -3.50 -28.37 -13.16
CA GLY C 16 -3.26 -28.05 -14.55
C GLY C 16 -3.77 -26.69 -14.96
N ARG C 17 -4.83 -26.21 -14.31
CA ARG C 17 -5.30 -24.86 -14.58
C ARG C 17 -4.33 -23.83 -14.04
N VAL C 18 -3.81 -24.07 -12.84
CA VAL C 18 -2.85 -23.16 -12.23
C VAL C 18 -1.56 -23.13 -13.04
N HIS C 19 -1.12 -24.28 -13.53
CA HIS C 19 0.07 -24.35 -14.35
C HIS C 19 -0.11 -23.61 -15.67
N ARG C 20 -1.34 -23.58 -16.19
CA ARG C 20 -1.58 -22.80 -17.39
C ARG C 20 -1.56 -21.31 -17.08
N LEU C 21 -2.11 -20.91 -15.94
CA LEU C 21 -2.12 -19.49 -15.58
C LEU C 21 -0.73 -18.98 -15.24
N LEU C 22 0.16 -19.84 -14.75
CA LEU C 22 1.52 -19.39 -14.49
C LEU C 22 2.29 -19.17 -15.77
N ARG C 23 2.05 -20.00 -16.78
CA ARG C 23 2.85 -19.91 -17.99
C ARG C 23 2.46 -18.73 -18.85
N LYS C 24 1.17 -18.49 -19.04
CA LYS C 24 0.75 -17.34 -19.82
C LYS C 24 0.48 -16.12 -18.96
N GLY C 25 0.84 -16.17 -17.69
CA GLY C 25 0.70 -14.99 -16.87
C GLY C 25 1.88 -14.05 -16.91
N ASN C 26 2.91 -14.39 -17.68
CA ASN C 26 4.16 -13.62 -17.80
C ASN C 26 4.81 -13.38 -16.44
N TYR C 27 5.08 -14.48 -15.74
CA TYR C 27 5.76 -14.37 -14.46
C TYR C 27 7.23 -14.73 -14.57
N SER C 28 7.58 -15.72 -15.38
CA SER C 28 8.97 -16.03 -15.64
C SER C 28 9.07 -16.67 -17.01
N GLU C 29 10.29 -17.04 -17.38
CA GLU C 29 10.46 -17.77 -18.63
C GLU C 29 10.04 -19.21 -18.49
N ARG C 30 10.26 -19.80 -17.31
CA ARG C 30 9.92 -21.18 -17.09
C ARG C 30 9.19 -21.34 -15.77
N VAL C 31 8.43 -22.42 -15.69
CA VAL C 31 7.71 -22.80 -14.48
C VAL C 31 8.08 -24.22 -14.13
N GLY C 32 8.55 -24.42 -12.91
CA GLY C 32 8.93 -25.76 -12.49
C GLY C 32 7.72 -26.66 -12.32
N ALA C 33 8.00 -27.96 -12.22
CA ALA C 33 6.92 -28.94 -12.15
C ALA C 33 6.25 -28.91 -10.79
N GLY C 34 7.03 -28.82 -9.72
CA GLY C 34 6.45 -28.80 -8.41
C GLY C 34 5.83 -27.49 -8.01
N ALA C 35 5.98 -26.46 -8.83
CA ALA C 35 5.46 -25.15 -8.47
C ALA C 35 3.93 -25.06 -8.46
N PRO C 36 3.19 -25.46 -9.50
CA PRO C 36 1.72 -25.35 -9.38
C PRO C 36 1.12 -26.36 -8.44
N VAL C 37 1.82 -27.45 -8.14
CA VAL C 37 1.36 -28.36 -7.10
C VAL C 37 1.43 -27.69 -5.75
N TYR C 38 2.53 -26.99 -5.48
CA TYR C 38 2.71 -26.35 -4.19
C TYR C 38 1.77 -25.16 -4.04
N LEU C 39 1.45 -24.49 -5.14
CA LEU C 39 0.62 -23.31 -5.05
C LEU C 39 -0.84 -23.68 -4.85
N ALA C 40 -1.29 -24.75 -5.50
CA ALA C 40 -2.69 -25.13 -5.41
C ALA C 40 -3.05 -25.62 -4.02
N ALA C 41 -2.10 -26.24 -3.32
CA ALA C 41 -2.36 -26.64 -1.95
C ALA C 41 -2.48 -25.45 -1.03
N VAL C 42 -1.73 -24.39 -1.30
CA VAL C 42 -1.82 -23.18 -0.49
C VAL C 42 -3.16 -22.51 -0.69
N LEU C 43 -3.59 -22.40 -1.95
CA LEU C 43 -4.88 -21.79 -2.24
C LEU C 43 -6.03 -22.62 -1.68
N GLU C 44 -5.88 -23.95 -1.66
CA GLU C 44 -6.88 -24.78 -1.01
C GLU C 44 -6.92 -24.53 0.49
N TYR C 45 -5.76 -24.37 1.12
CA TYR C 45 -5.72 -24.20 2.57
C TYR C 45 -6.38 -22.90 3.00
N LEU C 46 -6.23 -21.85 2.20
CA LEU C 46 -6.78 -20.56 2.60
C LEU C 46 -8.29 -20.54 2.48
N THR C 47 -8.83 -21.18 1.44
CA THR C 47 -10.28 -21.28 1.36
C THR C 47 -10.82 -22.23 2.40
N ALA C 48 -10.04 -23.21 2.79
CA ALA C 48 -10.48 -24.16 3.78
C ALA C 48 -10.58 -23.57 5.17
N GLU C 49 -9.98 -22.42 5.44
CA GLU C 49 -10.21 -21.79 6.73
C GLU C 49 -11.30 -20.73 6.70
N ILE C 50 -11.47 -20.01 5.59
CA ILE C 50 -12.55 -19.03 5.51
C ILE C 50 -13.89 -19.73 5.50
N LEU C 51 -14.01 -20.78 4.70
CA LEU C 51 -15.27 -21.50 4.63
C LEU C 51 -15.55 -22.27 5.92
N GLU C 52 -14.50 -22.62 6.67
CA GLU C 52 -14.74 -23.23 7.95
C GLU C 52 -15.22 -22.20 8.96
N LEU C 53 -14.70 -20.98 8.89
CA LEU C 53 -15.12 -19.96 9.84
C LEU C 53 -16.45 -19.36 9.46
N ALA C 54 -16.66 -19.08 8.18
CA ALA C 54 -17.95 -18.56 7.75
C ALA C 54 -19.04 -19.59 7.89
N GLY C 55 -18.70 -20.87 7.80
CA GLY C 55 -19.65 -21.91 8.11
C GLY C 55 -20.08 -21.89 9.56
N ASN C 56 -19.16 -21.54 10.45
CA ASN C 56 -19.54 -21.38 11.85
C ASN C 56 -20.36 -20.12 12.05
N ALA C 57 -20.17 -19.11 11.21
CA ALA C 57 -20.92 -17.88 11.36
C ALA C 57 -22.38 -18.07 10.99
N ALA C 58 -22.64 -18.78 9.90
CA ALA C 58 -24.01 -19.02 9.47
C ALA C 58 -24.72 -19.97 10.40
N ARG C 59 -23.99 -20.90 11.01
CA ARG C 59 -24.57 -21.78 12.01
C ARG C 59 -24.97 -21.00 13.25
N ASP C 60 -24.22 -19.94 13.58
CA ASP C 60 -24.58 -19.15 14.74
C ASP C 60 -25.73 -18.19 14.46
N ASN C 61 -25.95 -17.84 13.20
CA ASN C 61 -27.13 -17.07 12.84
C ASN C 61 -28.25 -17.96 12.34
N LYS C 62 -28.13 -19.27 12.55
CA LYS C 62 -29.16 -20.27 12.28
C LYS C 62 -29.56 -20.28 10.81
N LYS C 63 -28.58 -20.13 9.94
CA LYS C 63 -28.81 -20.21 8.50
C LYS C 63 -27.89 -21.25 7.90
N THR C 64 -28.36 -21.90 6.84
CA THR C 64 -27.65 -23.01 6.23
C THR C 64 -27.08 -22.66 4.87
N ARG C 65 -26.76 -21.39 4.66
CA ARG C 65 -26.43 -20.93 3.32
C ARG C 65 -25.61 -19.67 3.49
N ILE C 66 -24.30 -19.75 3.22
CA ILE C 66 -23.38 -18.67 3.53
C ILE C 66 -23.62 -17.49 2.60
N ILE C 67 -23.94 -16.35 3.18
CA ILE C 67 -24.15 -15.12 2.41
C ILE C 67 -23.04 -14.17 2.85
N PRO C 68 -22.66 -13.15 2.07
CA PRO C 68 -21.40 -12.44 2.33
C PRO C 68 -21.34 -11.60 3.60
N ARG C 69 -22.40 -11.49 4.39
CA ARG C 69 -22.21 -10.97 5.73
C ARG C 69 -21.38 -11.95 6.56
N HIS C 70 -21.55 -13.25 6.31
CA HIS C 70 -20.79 -14.22 7.07
C HIS C 70 -19.33 -14.24 6.67
N LEU C 71 -19.01 -13.86 5.44
CA LEU C 71 -17.61 -13.73 5.08
C LEU C 71 -16.99 -12.54 5.77
N GLN C 72 -17.75 -11.46 5.93
CA GLN C 72 -17.26 -10.28 6.63
C GLN C 72 -17.02 -10.57 8.10
N LEU C 73 -17.93 -11.32 8.72
CA LEU C 73 -17.79 -11.61 10.13
C LEU C 73 -16.71 -12.63 10.39
N ALA C 74 -16.44 -13.51 9.43
CA ALA C 74 -15.43 -14.52 9.67
C ALA C 74 -14.03 -13.95 9.53
N ILE C 75 -13.83 -13.03 8.60
CA ILE C 75 -12.51 -12.46 8.37
C ILE C 75 -12.14 -11.49 9.48
N ARG C 76 -13.04 -10.56 9.79
CA ARG C 76 -12.72 -9.51 10.73
C ARG C 76 -12.67 -9.98 12.17
N ASN C 77 -13.12 -11.20 12.46
CA ASN C 77 -13.01 -11.74 13.81
C ASN C 77 -11.76 -12.58 14.00
N ASP C 78 -10.77 -12.41 13.14
CA ASP C 78 -9.44 -12.92 13.41
C ASP C 78 -8.47 -11.75 13.51
N GLU C 79 -7.21 -12.10 13.67
CA GLU C 79 -6.14 -11.13 13.55
C GLU C 79 -5.16 -11.48 12.45
N GLU C 80 -5.19 -12.71 11.97
CA GLU C 80 -4.34 -13.11 10.86
C GLU C 80 -5.02 -12.86 9.53
N LEU C 81 -6.26 -13.33 9.38
CA LEU C 81 -7.02 -13.04 8.19
C LEU C 81 -7.37 -11.56 8.09
N ASN C 82 -7.53 -10.90 9.23
CA ASN C 82 -7.73 -9.47 9.21
C ASN C 82 -6.48 -8.75 8.75
N LYS C 83 -5.31 -9.26 9.14
CA LYS C 83 -4.07 -8.64 8.67
C LYS C 83 -3.84 -8.94 7.20
N LEU C 84 -4.25 -10.11 6.75
CA LEU C 84 -4.08 -10.47 5.35
C LEU C 84 -5.00 -9.67 4.46
N LEU C 85 -6.20 -9.37 4.92
CA LEU C 85 -7.19 -8.68 4.12
C LEU C 85 -7.52 -7.34 4.72
N GLY C 86 -6.49 -6.60 5.16
CA GLY C 86 -6.72 -5.35 5.83
C GLY C 86 -7.15 -4.23 4.92
N ARG C 87 -6.93 -4.36 3.63
CA ARG C 87 -7.28 -3.33 2.67
C ARG C 87 -8.25 -3.87 1.63
N VAL C 88 -9.17 -4.72 2.07
CA VAL C 88 -10.11 -5.39 1.19
C VAL C 88 -11.51 -4.97 1.56
N THR C 89 -12.25 -4.46 0.58
CA THR C 89 -13.66 -4.13 0.77
C THR C 89 -14.49 -5.28 0.23
N ILE C 90 -15.35 -5.83 1.07
CA ILE C 90 -16.24 -6.91 0.69
C ILE C 90 -17.60 -6.33 0.32
N ALA C 91 -18.08 -6.69 -0.87
CA ALA C 91 -19.40 -6.32 -1.31
C ALA C 91 -20.46 -6.88 -0.37
N GLN C 92 -21.43 -6.03 0.00
CA GLN C 92 -22.51 -6.36 0.92
C GLN C 92 -21.97 -6.85 2.27
N GLY C 93 -20.87 -6.27 2.71
CA GLY C 93 -20.15 -6.81 3.83
C GLY C 93 -20.65 -6.33 5.16
N GLY C 94 -20.85 -5.03 5.30
CA GLY C 94 -21.19 -4.48 6.59
C GLY C 94 -19.98 -4.38 7.49
N VAL C 95 -20.23 -3.92 8.71
CA VAL C 95 -19.19 -3.63 9.68
C VAL C 95 -19.43 -4.54 10.88
N LEU C 96 -18.35 -4.86 11.60
CA LEU C 96 -18.49 -5.51 12.89
C LEU C 96 -19.32 -4.67 13.84
N PRO C 97 -20.16 -5.27 14.67
CA PRO C 97 -20.94 -4.49 15.62
C PRO C 97 -20.09 -3.97 16.78
N ASN C 98 -19.43 -2.84 16.56
CA ASN C 98 -18.55 -2.25 17.55
C ASN C 98 -19.07 -0.90 17.97
N ILE C 99 -19.18 -0.69 19.29
CA ILE C 99 -19.53 0.59 19.88
C ILE C 99 -18.46 0.94 20.90
N GLN C 100 -17.99 2.18 20.86
CA GLN C 100 -16.99 2.64 21.81
C GLN C 100 -17.56 2.70 23.21
N ALA C 101 -16.69 2.45 24.20
CA ALA C 101 -17.12 2.33 25.58
C ALA C 101 -17.55 3.66 26.19
N VAL C 102 -17.01 4.77 25.68
CA VAL C 102 -17.40 6.08 26.20
C VAL C 102 -18.83 6.42 25.78
N LEU C 103 -19.24 5.94 24.62
CA LEU C 103 -20.58 6.23 24.10
C LEU C 103 -21.62 5.29 24.68
N LEU C 104 -21.72 5.22 26.01
CA LEU C 104 -22.65 4.34 26.67
C LEU C 104 -23.33 5.10 27.78
N PRO C 105 -24.59 4.75 28.11
CA PRO C 105 -25.28 5.46 29.19
C PRO C 105 -24.69 5.10 30.55
N LYS C 106 -24.34 6.12 31.30
CA LYS C 106 -23.77 5.91 32.62
C LYS C 106 -24.86 5.56 33.62
N CYS C 107 -24.49 4.68 34.56
CA CYS C 107 -25.35 4.17 35.64
C CYS C 107 -26.65 3.55 35.13
N LYS D 1 -10.10 -20.45 -18.38
CA LYS D 1 -10.44 -20.09 -17.02
C LYS D 1 -11.66 -19.19 -16.98
N GLU D 2 -12.66 -19.59 -16.23
CA GLU D 2 -13.74 -18.66 -15.93
C GLU D 2 -14.04 -18.55 -14.45
N SER D 3 -13.89 -19.64 -13.68
CA SER D 3 -14.24 -19.58 -12.27
C SER D 3 -13.49 -20.65 -11.49
N TYR D 4 -13.69 -20.60 -10.18
CA TYR D 4 -13.27 -21.63 -9.26
C TYR D 4 -14.44 -22.21 -8.51
N SER D 5 -15.67 -21.89 -8.93
CA SER D 5 -16.85 -22.15 -8.12
C SER D 5 -17.14 -23.62 -7.96
N VAL D 6 -16.69 -24.45 -8.90
CA VAL D 6 -16.78 -25.88 -8.72
C VAL D 6 -15.86 -26.32 -7.60
N TYR D 7 -14.65 -25.78 -7.58
CA TYR D 7 -13.64 -26.25 -6.66
C TYR D 7 -13.88 -25.71 -5.27
N VAL D 8 -14.39 -24.48 -5.17
CA VAL D 8 -14.78 -23.92 -3.88
C VAL D 8 -15.90 -24.75 -3.27
N TYR D 9 -16.86 -25.16 -4.10
CA TYR D 9 -18.00 -25.90 -3.58
C TYR D 9 -17.60 -27.31 -3.16
N LYS D 10 -16.54 -27.86 -3.73
CA LYS D 10 -16.07 -29.16 -3.28
C LYS D 10 -15.41 -29.06 -1.92
N VAL D 11 -14.72 -27.95 -1.65
CA VAL D 11 -14.09 -27.77 -0.35
C VAL D 11 -15.16 -27.52 0.71
N LEU D 12 -16.19 -26.77 0.35
CA LEU D 12 -17.25 -26.43 1.29
C LEU D 12 -18.02 -27.66 1.72
N LYS D 13 -18.35 -28.55 0.79
CA LYS D 13 -18.98 -29.81 1.15
C LYS D 13 -18.04 -30.70 1.93
N GLN D 14 -16.74 -30.52 1.77
CA GLN D 14 -15.80 -31.30 2.53
C GLN D 14 -15.69 -30.82 3.97
N VAL D 15 -15.79 -29.51 4.20
CA VAL D 15 -15.61 -28.97 5.55
C VAL D 15 -16.93 -28.99 6.29
N HIS D 16 -17.91 -28.23 5.80
CA HIS D 16 -19.24 -28.25 6.37
C HIS D 16 -20.16 -29.00 5.40
N PRO D 17 -20.46 -30.26 5.65
CA PRO D 17 -21.17 -31.06 4.65
C PRO D 17 -22.65 -30.75 4.54
N ASP D 18 -23.12 -29.71 5.21
CA ASP D 18 -24.53 -29.35 5.18
C ASP D 18 -24.80 -27.94 4.73
N THR D 19 -23.88 -27.02 4.92
CA THR D 19 -24.14 -25.63 4.62
C THR D 19 -24.06 -25.37 3.12
N GLY D 20 -24.60 -24.24 2.71
CA GLY D 20 -24.57 -23.85 1.31
C GLY D 20 -23.96 -22.48 1.14
N ILE D 21 -24.02 -21.94 -0.07
CA ILE D 21 -23.38 -20.66 -0.35
C ILE D 21 -24.19 -19.94 -1.42
N SER D 22 -24.43 -18.66 -1.22
CA SER D 22 -25.14 -17.88 -2.21
C SER D 22 -24.23 -17.57 -3.39
N SER D 23 -24.84 -17.06 -4.46
CA SER D 23 -24.05 -16.74 -5.64
C SER D 23 -23.17 -15.52 -5.41
N LYS D 24 -23.68 -14.54 -4.66
CA LYS D 24 -22.87 -13.38 -4.35
C LYS D 24 -21.72 -13.73 -3.43
N ALA D 25 -21.92 -14.69 -2.53
CA ALA D 25 -20.81 -15.11 -1.68
C ALA D 25 -19.82 -15.95 -2.45
N MET D 26 -20.28 -16.65 -3.49
CA MET D 26 -19.35 -17.39 -4.34
C MET D 26 -18.50 -16.46 -5.16
N GLY D 27 -19.07 -15.35 -5.64
CA GLY D 27 -18.31 -14.41 -6.42
C GLY D 27 -17.24 -13.69 -5.63
N ILE D 28 -17.42 -13.59 -4.32
CA ILE D 28 -16.37 -13.03 -3.49
C ILE D 28 -15.26 -14.04 -3.30
N MET D 29 -15.61 -15.30 -3.06
CA MET D 29 -14.60 -16.35 -2.97
C MET D 29 -13.89 -16.54 -4.29
N ASN D 30 -14.59 -16.31 -5.39
CA ASN D 30 -13.95 -16.39 -6.70
C ASN D 30 -12.97 -15.24 -6.88
N SER D 31 -13.34 -14.04 -6.43
CA SER D 31 -12.41 -12.92 -6.49
C SER D 31 -11.31 -13.04 -5.45
N PHE D 32 -11.57 -13.76 -4.36
CA PHE D 32 -10.56 -13.95 -3.33
C PHE D 32 -9.41 -14.80 -3.82
N VAL D 33 -9.71 -15.90 -4.52
CA VAL D 33 -8.67 -16.81 -4.98
C VAL D 33 -7.82 -16.16 -6.05
N ASN D 34 -8.44 -15.38 -6.92
CA ASN D 34 -7.68 -14.66 -7.92
C ASN D 34 -6.80 -13.57 -7.32
N ASP D 35 -7.17 -13.03 -6.16
CA ASP D 35 -6.36 -11.98 -5.57
C ASP D 35 -5.06 -12.52 -5.01
N ILE D 36 -5.13 -13.60 -4.24
CA ILE D 36 -3.93 -14.17 -3.66
C ILE D 36 -3.04 -14.81 -4.71
N PHE D 37 -3.64 -15.22 -5.84
CA PHE D 37 -2.88 -15.83 -6.92
C PHE D 37 -1.83 -14.89 -7.48
N GLU D 38 -2.23 -13.68 -7.89
CA GLU D 38 -1.17 -12.77 -8.29
C GLU D 38 -0.55 -12.03 -7.12
N ARG D 39 -0.99 -12.25 -5.89
CA ARG D 39 -0.13 -11.84 -4.79
C ARG D 39 1.06 -12.77 -4.67
N ILE D 40 0.83 -14.07 -4.74
CA ILE D 40 1.94 -15.01 -4.59
C ILE D 40 2.78 -15.05 -5.86
N ALA D 41 2.15 -15.31 -7.00
CA ALA D 41 2.89 -15.48 -8.23
C ALA D 41 3.51 -14.18 -8.69
N GLY D 42 2.84 -13.07 -8.43
CA GLY D 42 3.41 -11.78 -8.76
C GLY D 42 4.60 -11.41 -7.91
N GLU D 43 4.71 -11.99 -6.72
CA GLU D 43 5.84 -11.72 -5.85
C GLU D 43 6.91 -12.78 -5.98
N ALA D 44 6.53 -14.04 -6.21
CA ALA D 44 7.52 -15.07 -6.48
C ALA D 44 8.22 -14.86 -7.81
N SER D 45 7.59 -14.14 -8.73
CA SER D 45 8.28 -13.73 -9.95
C SER D 45 9.41 -12.77 -9.64
N ARG D 46 9.23 -11.92 -8.63
CA ARG D 46 10.27 -10.97 -8.27
C ARG D 46 11.44 -11.65 -7.59
N LEU D 47 11.23 -12.81 -6.98
CA LEU D 47 12.35 -13.55 -6.41
C LEU D 47 13.23 -14.15 -7.49
N ALA D 48 12.68 -14.45 -8.66
CA ALA D 48 13.50 -14.99 -9.72
C ALA D 48 14.43 -13.94 -10.29
N HIS D 49 13.97 -12.70 -10.42
CA HIS D 49 14.83 -11.65 -10.90
C HIS D 49 15.84 -11.21 -9.86
N TYR D 50 15.55 -11.40 -8.59
CA TYR D 50 16.50 -10.99 -7.57
C TYR D 50 17.63 -11.99 -7.45
N ASN D 51 17.45 -13.20 -7.97
CA ASN D 51 18.49 -14.20 -7.99
C ASN D 51 18.94 -14.52 -9.39
N LYS D 52 18.48 -13.74 -10.38
CA LYS D 52 18.85 -13.87 -11.79
C LYS D 52 18.52 -15.25 -12.35
N ARG D 53 17.43 -15.84 -11.90
CA ARG D 53 17.01 -17.13 -12.42
C ARG D 53 15.87 -16.95 -13.41
N SER D 54 15.41 -18.07 -13.95
CA SER D 54 14.39 -18.05 -14.98
C SER D 54 13.27 -19.04 -14.74
N THR D 55 13.41 -19.94 -13.76
CA THR D 55 12.38 -20.90 -13.43
C THR D 55 11.75 -20.51 -12.10
N ILE D 56 10.46 -20.76 -11.97
CA ILE D 56 9.78 -20.65 -10.69
C ILE D 56 9.56 -22.07 -10.19
N THR D 57 10.16 -22.39 -9.06
CA THR D 57 10.06 -23.71 -8.48
C THR D 57 9.15 -23.67 -7.27
N SER D 58 9.05 -24.81 -6.59
CA SER D 58 8.34 -24.83 -5.32
C SER D 58 9.09 -24.05 -4.26
N ARG D 59 10.42 -24.03 -4.34
CA ARG D 59 11.22 -23.24 -3.42
C ARG D 59 10.95 -21.76 -3.60
N GLU D 60 10.70 -21.34 -4.83
CA GLU D 60 10.41 -19.94 -5.11
C GLU D 60 9.06 -19.53 -4.53
N ILE D 61 8.13 -20.48 -4.42
CA ILE D 61 6.83 -20.15 -3.88
C ILE D 61 6.82 -20.27 -2.36
N GLN D 62 7.57 -21.22 -1.81
CA GLN D 62 7.61 -21.44 -0.36
C GLN D 62 8.13 -20.22 0.37
N THR D 63 9.14 -19.56 -0.17
CA THR D 63 9.59 -18.32 0.45
C THR D 63 8.63 -17.18 0.17
N ALA D 64 7.91 -17.25 -0.95
CA ALA D 64 6.92 -16.22 -1.23
C ALA D 64 5.70 -16.36 -0.33
N VAL D 65 5.41 -17.57 0.13
CA VAL D 65 4.34 -17.76 1.08
C VAL D 65 4.73 -17.20 2.44
N ARG D 66 5.98 -17.43 2.86
CA ARG D 66 6.46 -16.93 4.14
C ARG D 66 6.53 -15.42 4.18
N LEU D 67 6.63 -14.76 3.05
CA LEU D 67 6.54 -13.31 3.06
C LEU D 67 5.11 -12.85 3.21
N LEU D 68 4.17 -13.49 2.53
CA LEU D 68 2.82 -12.98 2.49
C LEU D 68 1.99 -13.38 3.70
N LEU D 69 2.01 -14.62 4.05
CA LEU D 69 1.02 -15.03 5.05
C LEU D 69 1.57 -14.79 6.45
N PRO D 70 0.85 -14.06 7.28
CA PRO D 70 1.38 -13.72 8.60
C PRO D 70 1.08 -14.77 9.65
N GLY D 71 2.05 -15.00 10.52
CA GLY D 71 1.79 -15.79 11.72
C GLY D 71 1.65 -17.27 11.41
N GLU D 72 0.64 -17.88 12.01
CA GLU D 72 0.44 -19.31 11.89
C GLU D 72 -0.11 -19.71 10.53
N LEU D 73 -0.58 -18.77 9.73
CA LEU D 73 -0.94 -19.10 8.36
C LEU D 73 0.29 -19.48 7.56
N ALA D 74 1.44 -18.90 7.87
CA ALA D 74 2.67 -19.32 7.24
C ALA D 74 3.06 -20.72 7.68
N LYS D 75 3.01 -20.99 8.99
CA LYS D 75 3.47 -22.27 9.50
C LYS D 75 2.57 -23.43 9.09
N HIS D 76 1.33 -23.16 8.74
CA HIS D 76 0.48 -24.24 8.28
C HIS D 76 0.54 -24.44 6.78
N ALA D 77 0.49 -23.36 6.00
CA ALA D 77 0.43 -23.49 4.55
C ALA D 77 1.73 -24.02 3.97
N VAL D 78 2.86 -23.69 4.60
CA VAL D 78 4.13 -24.28 4.18
C VAL D 78 4.14 -25.77 4.49
N SER D 79 3.68 -26.14 5.68
CA SER D 79 3.53 -27.55 6.01
C SER D 79 2.47 -28.22 5.16
N GLU D 80 1.48 -27.46 4.71
CA GLU D 80 0.46 -28.02 3.84
C GLU D 80 1.01 -28.30 2.46
N GLY D 81 1.77 -27.37 1.90
CA GLY D 81 2.21 -27.51 0.53
C GLY D 81 3.27 -28.57 0.36
N THR D 82 4.13 -28.76 1.37
CA THR D 82 5.15 -29.77 1.25
C THR D 82 4.58 -31.17 1.36
N LYS D 83 3.41 -31.32 1.99
CA LYS D 83 2.73 -32.60 1.94
C LYS D 83 2.25 -32.89 0.53
N ALA D 84 1.83 -31.85 -0.19
CA ALA D 84 1.29 -32.06 -1.53
C ALA D 84 2.39 -32.41 -2.51
N VAL D 85 3.56 -31.82 -2.35
CA VAL D 85 4.65 -32.06 -3.30
C VAL D 85 5.21 -33.46 -3.11
N THR D 86 5.42 -33.87 -1.87
CA THR D 86 5.95 -35.19 -1.60
C THR D 86 4.96 -36.28 -1.97
N LYS D 87 3.67 -36.01 -1.85
CA LYS D 87 2.69 -36.96 -2.36
C LYS D 87 2.69 -36.97 -3.89
N TYR D 88 2.96 -35.83 -4.51
CA TYR D 88 2.93 -35.75 -5.95
C TYR D 88 4.10 -36.49 -6.59
N THR D 89 5.29 -36.35 -6.01
CA THR D 89 6.46 -36.99 -6.59
C THR D 89 6.49 -38.48 -6.31
N SER D 90 5.93 -38.90 -5.17
CA SER D 90 5.94 -40.32 -4.84
C SER D 90 4.93 -41.09 -5.67
N ALA D 91 3.87 -40.44 -6.12
CA ALA D 91 2.86 -41.10 -6.93
C ALA D 91 3.18 -40.91 -8.41
N HIS E 2 -44.70 9.22 25.32
CA HIS E 2 -43.59 9.83 26.05
C HIS E 2 -42.53 10.31 25.07
N ARG E 3 -41.33 10.59 25.58
CA ARG E 3 -40.22 11.02 24.76
C ARG E 3 -38.93 10.48 25.34
N TYR E 4 -38.09 9.92 24.48
CA TYR E 4 -36.81 9.41 24.93
C TYR E 4 -35.84 10.55 25.22
N ARG E 5 -34.86 10.26 26.07
CA ARG E 5 -33.77 11.20 26.27
C ARG E 5 -32.90 11.24 25.02
N PRO E 6 -32.29 12.38 24.72
CA PRO E 6 -31.45 12.48 23.52
C PRO E 6 -30.18 11.65 23.67
N GLY E 7 -29.88 10.86 22.65
CA GLY E 7 -28.79 9.92 22.66
C GLY E 7 -29.20 8.47 22.64
N THR E 8 -30.29 8.12 23.33
CA THR E 8 -30.74 6.74 23.37
C THR E 8 -31.31 6.27 22.05
N VAL E 9 -31.90 7.17 21.27
CA VAL E 9 -32.33 6.81 19.94
C VAL E 9 -31.12 6.63 19.03
N ALA E 10 -30.11 7.48 19.21
CA ALA E 10 -28.92 7.40 18.37
C ALA E 10 -28.11 6.15 18.64
N LEU E 11 -28.15 5.63 19.87
CA LEU E 11 -27.50 4.36 20.14
C LEU E 11 -28.23 3.21 19.47
N ARG E 12 -29.55 3.29 19.41
CA ARG E 12 -30.33 2.22 18.80
C ARG E 12 -30.16 2.19 17.30
N GLU E 13 -29.81 3.31 16.68
CA GLU E 13 -29.48 3.29 15.26
C GLU E 13 -28.14 2.62 15.03
N ILE E 14 -27.18 2.88 15.91
CA ILE E 14 -25.87 2.23 15.82
C ILE E 14 -26.00 0.73 16.05
N ARG E 15 -26.95 0.33 16.91
CA ARG E 15 -27.27 -1.08 17.03
C ARG E 15 -27.86 -1.63 15.74
N ARG E 16 -28.56 -0.80 14.96
CA ARG E 16 -29.24 -1.32 13.79
C ARG E 16 -28.37 -1.25 12.55
N TYR E 17 -27.78 -0.09 12.28
CA TYR E 17 -27.04 0.06 11.03
C TYR E 17 -25.71 -0.68 11.02
N GLN E 18 -25.20 -1.06 12.18
CA GLN E 18 -24.06 -1.97 12.20
C GLN E 18 -24.49 -3.42 12.08
N LYS E 19 -25.78 -3.68 12.02
CA LYS E 19 -26.29 -5.03 11.85
C LYS E 19 -26.74 -5.30 10.43
N SER E 20 -27.22 -4.29 9.73
CA SER E 20 -27.63 -4.45 8.34
C SER E 20 -26.45 -4.24 7.41
N THR E 21 -26.63 -4.66 6.16
CA THR E 21 -25.59 -4.52 5.13
C THR E 21 -26.08 -3.74 3.92
N GLU E 22 -27.29 -3.20 3.95
CA GLU E 22 -27.83 -2.58 2.75
C GLU E 22 -27.26 -1.18 2.56
N LEU E 23 -27.42 -0.67 1.35
CA LEU E 23 -26.79 0.58 0.93
C LEU E 23 -27.51 1.77 1.53
N LEU E 24 -26.75 2.66 2.15
CA LEU E 24 -27.35 3.72 2.94
C LEU E 24 -27.57 5.00 2.16
N ILE E 25 -27.23 5.03 0.88
CA ILE E 25 -27.46 6.19 0.03
C ILE E 25 -28.49 5.81 -1.02
N ARG E 26 -29.41 6.73 -1.30
CA ARG E 26 -30.39 6.50 -2.35
C ARG E 26 -29.71 6.41 -3.71
N LYS E 27 -30.12 5.41 -4.49
CA LYS E 27 -29.31 4.99 -5.63
C LYS E 27 -29.44 5.93 -6.81
N LEU E 28 -30.64 6.43 -7.07
CA LEU E 28 -30.82 7.35 -8.18
C LEU E 28 -30.15 8.72 -8.05
N PRO E 29 -30.09 9.39 -6.89
CA PRO E 29 -29.24 10.57 -6.82
C PRO E 29 -27.77 10.24 -6.83
N PHE E 30 -27.39 9.01 -6.51
CA PHE E 30 -25.98 8.65 -6.60
C PHE E 30 -25.54 8.52 -8.05
N GLN E 31 -26.40 7.97 -8.91
CA GLN E 31 -26.06 7.86 -10.32
C GLN E 31 -25.97 9.23 -10.97
N ARG E 32 -26.86 10.13 -10.57
CA ARG E 32 -26.80 11.48 -11.11
C ARG E 32 -25.56 12.21 -10.63
N LEU E 33 -25.03 11.84 -9.48
CA LEU E 33 -23.77 12.42 -9.02
C LEU E 33 -22.60 11.91 -9.84
N VAL E 34 -22.59 10.61 -10.14
CA VAL E 34 -21.46 10.02 -10.84
C VAL E 34 -21.41 10.50 -12.27
N ARG E 35 -22.57 10.60 -12.93
CA ARG E 35 -22.59 10.97 -14.33
C ARG E 35 -22.23 12.42 -14.57
N GLU E 36 -22.31 13.27 -13.55
CA GLU E 36 -21.89 14.64 -13.76
C GLU E 36 -20.44 14.86 -13.34
N ILE E 37 -19.86 13.97 -12.55
CA ILE E 37 -18.43 14.02 -12.33
C ILE E 37 -17.69 13.53 -13.57
N ALA E 38 -18.15 12.40 -14.13
CA ALA E 38 -17.60 11.89 -15.37
C ALA E 38 -17.92 12.75 -16.57
N GLN E 39 -18.89 13.67 -16.44
CA GLN E 39 -19.16 14.65 -17.48
C GLN E 39 -17.96 15.53 -17.74
N ASP E 40 -17.17 15.81 -16.71
CA ASP E 40 -16.03 16.70 -16.87
C ASP E 40 -14.89 16.02 -17.62
N PHE E 41 -14.66 14.74 -17.39
CA PHE E 41 -13.50 14.08 -17.97
C PHE E 41 -13.72 13.79 -19.45
N LYS E 42 -14.75 12.99 -19.75
CA LYS E 42 -15.09 12.73 -21.14
C LYS E 42 -16.59 12.89 -21.31
N THR E 43 -16.98 13.69 -22.28
CA THR E 43 -18.39 13.91 -22.53
C THR E 43 -19.02 12.68 -23.16
N ASP E 44 -20.30 12.48 -22.86
CA ASP E 44 -21.16 11.45 -23.44
C ASP E 44 -20.60 10.05 -23.17
N LEU E 45 -20.56 9.70 -21.89
CA LEU E 45 -20.18 8.37 -21.48
C LEU E 45 -21.40 7.57 -21.07
N ARG E 46 -21.21 6.26 -21.00
CA ARG E 46 -22.26 5.34 -20.60
C ARG E 46 -21.73 4.48 -19.47
N PHE E 47 -22.63 3.84 -18.75
CA PHE E 47 -22.25 3.07 -17.58
C PHE E 47 -22.99 1.76 -17.55
N GLN E 48 -22.29 0.70 -17.19
CA GLN E 48 -22.97 -0.51 -16.80
C GLN E 48 -23.63 -0.28 -15.45
N SER E 49 -24.73 -0.99 -15.21
CA SER E 49 -25.44 -0.84 -13.96
C SER E 49 -24.63 -1.38 -12.79
N SER E 50 -23.89 -2.46 -13.01
CA SER E 50 -23.03 -2.98 -11.96
C SER E 50 -21.82 -2.10 -11.73
N ALA E 51 -21.44 -1.27 -12.71
CA ALA E 51 -20.31 -0.37 -12.53
C ALA E 51 -20.64 0.72 -11.54
N VAL E 52 -21.88 1.19 -11.51
CA VAL E 52 -22.25 2.20 -10.55
C VAL E 52 -22.40 1.60 -9.17
N MET E 53 -22.91 0.38 -9.09
CA MET E 53 -23.04 -0.30 -7.81
C MET E 53 -21.69 -0.62 -7.20
N ALA E 54 -20.67 -0.79 -8.03
CA ALA E 54 -19.32 -0.91 -7.49
C ALA E 54 -18.85 0.41 -6.91
N LEU E 55 -19.17 1.52 -7.57
CA LEU E 55 -18.83 2.83 -7.02
C LEU E 55 -19.65 3.15 -5.79
N GLN E 56 -20.85 2.59 -5.70
CA GLN E 56 -21.68 2.75 -4.51
C GLN E 56 -21.03 2.11 -3.30
N GLU E 57 -20.68 0.84 -3.41
CA GLU E 57 -20.22 0.09 -2.26
C GLU E 57 -18.80 0.45 -1.87
N ALA E 58 -17.99 0.94 -2.80
CA ALA E 58 -16.66 1.35 -2.44
C ALA E 58 -16.69 2.67 -1.69
N SER E 59 -17.48 3.62 -2.19
CA SER E 59 -17.51 4.94 -1.56
C SER E 59 -18.23 4.91 -0.23
N GLU E 60 -19.22 4.02 -0.07
CA GLU E 60 -19.85 3.89 1.24
C GLU E 60 -18.88 3.26 2.24
N ALA E 61 -18.11 2.27 1.82
CA ALA E 61 -17.13 1.69 2.72
C ALA E 61 -15.97 2.63 2.98
N TYR E 62 -15.73 3.58 2.08
CA TYR E 62 -14.73 4.59 2.36
C TYR E 62 -15.20 5.60 3.38
N LEU E 63 -16.44 6.08 3.27
CA LEU E 63 -16.92 7.09 4.20
C LEU E 63 -17.13 6.52 5.58
N VAL E 64 -17.63 5.29 5.67
CA VAL E 64 -17.70 4.59 6.95
C VAL E 64 -16.31 4.43 7.54
N GLY E 65 -15.31 4.19 6.67
CA GLY E 65 -13.94 4.08 7.11
C GLY E 65 -13.38 5.35 7.74
N LEU E 66 -13.85 6.51 7.29
CA LEU E 66 -13.50 7.74 8.00
C LEU E 66 -14.18 7.83 9.34
N PHE E 67 -15.46 7.44 9.40
CA PHE E 67 -16.20 7.79 10.60
C PHE E 67 -15.88 6.93 11.80
N GLU E 68 -15.18 5.79 11.65
CA GLU E 68 -14.69 5.20 12.87
C GLU E 68 -13.39 5.85 13.29
N ASP E 69 -12.70 6.51 12.37
CA ASP E 69 -11.47 7.21 12.71
C ASP E 69 -11.72 8.66 13.07
N THR E 70 -12.76 9.26 12.51
CA THR E 70 -13.21 10.55 13.01
C THR E 70 -13.70 10.43 14.43
N ASN E 71 -14.37 9.33 14.74
CA ASN E 71 -14.92 9.12 16.09
C ASN E 71 -13.80 8.97 17.11
N LEU E 72 -12.72 8.32 16.74
CA LEU E 72 -11.58 8.21 17.64
C LEU E 72 -10.87 9.52 17.84
N SER E 73 -10.98 10.44 16.89
CA SER E 73 -10.40 11.76 17.09
C SER E 73 -11.20 12.56 18.09
N ALA E 74 -12.52 12.46 18.04
CA ALA E 74 -13.36 13.23 18.94
C ALA E 74 -13.31 12.69 20.35
N ILE E 75 -13.16 11.38 20.51
CA ILE E 75 -12.97 10.82 21.84
C ILE E 75 -11.62 11.24 22.40
N HIS E 76 -10.63 11.38 21.52
CA HIS E 76 -9.31 11.81 21.95
C HIS E 76 -9.32 13.25 22.43
N ALA E 77 -10.23 14.07 21.91
CA ALA E 77 -10.39 15.43 22.36
C ALA E 77 -11.37 15.56 23.51
N LYS E 78 -11.66 14.45 24.20
CA LYS E 78 -12.60 14.38 25.32
C LYS E 78 -14.00 14.85 24.94
N ARG E 79 -14.39 14.66 23.69
CA ARG E 79 -15.66 15.11 23.19
C ARG E 79 -16.48 13.92 22.72
N VAL E 80 -17.75 14.20 22.43
CA VAL E 80 -18.65 13.22 21.87
C VAL E 80 -19.06 13.60 20.45
N THR E 81 -19.36 14.86 20.23
CA THR E 81 -19.72 15.32 18.89
C THR E 81 -18.48 15.33 18.01
N ILE E 82 -18.57 14.70 16.87
CA ILE E 82 -17.52 14.84 15.88
C ILE E 82 -17.68 16.20 15.21
N MET E 83 -16.58 16.72 14.70
CA MET E 83 -16.50 18.07 14.17
C MET E 83 -15.64 18.03 12.92
N PRO E 84 -15.74 19.02 12.03
CA PRO E 84 -14.86 19.05 10.86
C PRO E 84 -13.40 19.27 11.18
N LYS E 85 -13.04 19.62 12.40
CA LYS E 85 -11.65 19.51 12.83
C LYS E 85 -11.20 18.07 12.80
N ASP E 86 -12.09 17.14 13.16
CA ASP E 86 -11.70 15.76 13.35
C ASP E 86 -11.50 15.04 12.03
N ILE E 87 -12.34 15.35 11.04
CA ILE E 87 -12.20 14.75 9.72
C ILE E 87 -10.92 15.24 9.05
N GLN E 88 -10.64 16.53 9.17
CA GLN E 88 -9.43 17.10 8.60
C GLN E 88 -8.18 16.56 9.28
N LEU E 89 -8.29 16.17 10.54
CA LEU E 89 -7.18 15.48 11.18
C LEU E 89 -7.02 14.08 10.62
N ALA E 90 -8.08 13.29 10.67
CA ALA E 90 -8.00 11.85 10.45
C ALA E 90 -7.60 11.50 9.04
N ARG E 91 -7.95 12.32 8.05
CA ARG E 91 -7.48 12.07 6.70
C ARG E 91 -6.08 12.62 6.48
N ARG E 92 -5.60 13.47 7.37
CA ARG E 92 -4.24 13.99 7.23
C ARG E 92 -3.21 13.08 7.87
N ILE E 93 -3.57 12.40 8.96
CA ILE E 93 -2.72 11.33 9.47
C ILE E 93 -2.75 10.15 8.51
N ARG E 94 -3.90 9.92 7.87
CA ARG E 94 -4.03 8.84 6.90
C ARG E 94 -3.18 9.09 5.66
N GLY E 95 -2.89 10.34 5.36
CA GLY E 95 -2.00 10.63 4.24
C GLY E 95 -2.72 11.09 3.00
N GLU E 96 -3.65 12.02 3.15
CA GLU E 96 -4.41 12.51 2.01
C GLU E 96 -4.21 14.01 1.82
N VAL F 3 -24.97 19.86 -18.77
CA VAL F 3 -26.31 19.30 -18.80
C VAL F 3 -26.83 19.16 -17.37
N LEU F 4 -25.97 18.67 -16.48
CA LEU F 4 -26.37 18.38 -15.11
C LEU F 4 -25.92 19.49 -14.18
N ARG F 5 -26.79 19.83 -13.24
CA ARG F 5 -26.59 20.97 -12.35
C ARG F 5 -25.88 20.50 -11.08
N ASP F 6 -25.91 21.34 -10.03
CA ASP F 6 -25.39 20.97 -8.72
C ASP F 6 -26.07 19.72 -8.18
N ASN F 7 -25.30 18.67 -8.02
CA ASN F 7 -25.88 17.37 -7.84
C ASN F 7 -25.31 16.69 -6.61
N ILE F 8 -24.34 17.31 -5.94
CA ILE F 8 -23.81 16.79 -4.70
C ILE F 8 -24.81 16.94 -3.57
N GLN F 9 -25.81 17.81 -3.73
CA GLN F 9 -26.86 17.97 -2.74
C GLN F 9 -27.78 16.77 -2.66
N GLY F 10 -27.72 15.87 -3.64
CA GLY F 10 -28.44 14.61 -3.56
C GLY F 10 -27.97 13.71 -2.45
N ILE F 11 -26.73 13.88 -2.00
CA ILE F 11 -26.25 13.18 -0.81
C ILE F 11 -26.86 13.92 0.38
N THR F 12 -27.99 13.44 0.86
CA THR F 12 -28.79 14.23 1.77
C THR F 12 -28.22 14.18 3.18
N LYS F 13 -28.70 15.11 3.99
CA LYS F 13 -28.33 15.17 5.40
C LYS F 13 -28.66 13.90 6.21
N PRO F 14 -29.82 13.24 6.08
CA PRO F 14 -29.98 11.98 6.81
C PRO F 14 -29.17 10.85 6.23
N ALA F 15 -28.80 10.92 4.95
CA ALA F 15 -28.00 9.85 4.37
C ALA F 15 -26.59 9.87 4.92
N ILE F 16 -26.03 11.07 5.11
CA ILE F 16 -24.73 11.21 5.76
C ILE F 16 -24.83 10.76 7.21
N ARG F 17 -25.97 10.97 7.84
CA ARG F 17 -26.17 10.54 9.21
C ARG F 17 -26.16 9.03 9.33
N ARG F 18 -26.72 8.34 8.32
CA ARG F 18 -26.76 6.87 8.36
C ARG F 18 -25.36 6.27 8.33
N LEU F 19 -24.46 6.89 7.59
CA LEU F 19 -23.10 6.36 7.49
C LEU F 19 -22.36 6.53 8.80
N ALA F 20 -22.56 7.65 9.47
CA ALA F 20 -21.90 7.86 10.74
C ALA F 20 -22.45 6.97 11.84
N ARG F 21 -23.73 6.61 11.73
CA ARG F 21 -24.29 5.66 12.67
C ARG F 21 -23.70 4.28 12.48
N ARG F 22 -23.46 3.89 11.23
CA ARG F 22 -22.76 2.64 11.00
C ARG F 22 -21.30 2.75 11.42
N GLY F 23 -20.72 3.93 11.28
CA GLY F 23 -19.37 4.14 11.77
C GLY F 23 -19.26 4.15 13.29
N GLY F 24 -20.38 4.35 13.98
CA GLY F 24 -20.37 4.38 15.42
C GLY F 24 -20.34 5.76 16.03
N VAL F 25 -20.84 6.76 15.35
CA VAL F 25 -20.85 8.12 15.86
C VAL F 25 -22.16 8.39 16.58
N LYS F 26 -22.08 8.86 17.81
CA LYS F 26 -23.31 9.08 18.56
C LYS F 26 -23.91 10.46 18.29
N ARG F 27 -23.09 11.49 18.16
CA ARG F 27 -23.60 12.83 17.99
C ARG F 27 -22.77 13.56 16.95
N ILE F 28 -23.44 14.31 16.08
CA ILE F 28 -22.83 14.89 14.89
C ILE F 28 -23.04 16.40 14.90
N SER F 29 -21.98 17.16 14.70
CA SER F 29 -22.15 18.61 14.62
C SER F 29 -22.69 19.00 13.26
N GLY F 30 -23.07 20.28 13.14
CA GLY F 30 -23.78 20.72 11.95
C GLY F 30 -22.92 21.00 10.75
N LEU F 31 -21.65 21.29 10.95
CA LEU F 31 -20.79 21.71 9.84
C LEU F 31 -20.26 20.55 9.02
N ILE F 32 -20.58 19.32 9.40
CA ILE F 32 -20.01 18.17 8.73
C ILE F 32 -20.73 17.88 7.43
N TYR F 33 -22.02 18.22 7.36
CA TYR F 33 -22.84 17.83 6.22
C TYR F 33 -22.41 18.52 4.95
N GLU F 34 -21.85 19.72 5.04
CA GLU F 34 -21.24 20.36 3.89
C GLU F 34 -19.75 20.11 3.82
N GLU F 35 -19.26 19.09 4.49
CA GLU F 35 -17.84 18.83 4.50
C GLU F 35 -17.52 17.41 4.05
N THR F 36 -18.39 16.44 4.34
CA THR F 36 -18.23 15.13 3.75
C THR F 36 -18.60 15.14 2.28
N ARG F 37 -19.44 16.09 1.87
CA ARG F 37 -19.71 16.27 0.45
C ARG F 37 -18.46 16.75 -0.29
N GLY F 38 -17.59 17.47 0.41
CA GLY F 38 -16.30 17.78 -0.16
C GLY F 38 -15.32 16.63 -0.16
N VAL F 39 -15.66 15.52 0.50
CA VAL F 39 -14.78 14.36 0.51
C VAL F 39 -15.12 13.39 -0.61
N LEU F 40 -16.40 13.11 -0.80
CA LEU F 40 -16.83 12.32 -1.96
C LEU F 40 -16.47 13.01 -3.26
N LYS F 41 -16.56 14.34 -3.28
CA LYS F 41 -16.16 15.09 -4.47
C LYS F 41 -14.68 14.91 -4.76
N VAL F 42 -13.87 14.70 -3.72
CA VAL F 42 -12.48 14.35 -3.95
C VAL F 42 -12.33 12.87 -4.27
N PHE F 43 -13.05 12.01 -3.54
CA PHE F 43 -12.83 10.58 -3.65
C PHE F 43 -13.33 10.03 -4.97
N LEU F 44 -14.45 10.55 -5.48
CA LEU F 44 -14.94 10.06 -6.75
C LEU F 44 -14.12 10.59 -7.91
N GLU F 45 -13.61 11.82 -7.79
CA GLU F 45 -12.76 12.36 -8.85
C GLU F 45 -11.40 11.68 -8.91
N ASN F 46 -11.04 10.87 -7.93
CA ASN F 46 -9.80 10.12 -8.03
C ASN F 46 -10.03 8.71 -8.53
N VAL F 47 -11.27 8.24 -8.53
CA VAL F 47 -11.59 6.90 -9.03
C VAL F 47 -12.14 6.96 -10.44
N ILE F 48 -13.05 7.89 -10.69
CA ILE F 48 -13.62 8.03 -12.02
C ILE F 48 -12.59 8.53 -13.02
N ARG F 49 -11.63 9.34 -12.56
CA ARG F 49 -10.53 9.76 -13.44
C ARG F 49 -9.71 8.57 -13.89
N ASP F 50 -9.46 7.63 -13.00
CA ASP F 50 -8.71 6.45 -13.40
C ASP F 50 -9.57 5.52 -14.23
N ALA F 51 -10.84 5.36 -13.85
CA ALA F 51 -11.69 4.38 -14.51
C ALA F 51 -12.06 4.80 -15.93
N VAL F 52 -12.10 6.10 -16.20
CA VAL F 52 -12.32 6.55 -17.57
C VAL F 52 -11.12 6.22 -18.44
N THR F 53 -9.91 6.41 -17.90
CA THR F 53 -8.70 6.17 -18.67
C THR F 53 -8.49 4.70 -19.00
N TYR F 54 -9.13 3.79 -18.29
CA TYR F 54 -9.15 2.41 -18.77
C TYR F 54 -10.06 2.28 -19.98
N THR F 55 -11.20 2.97 -19.97
CA THR F 55 -12.15 2.83 -21.05
C THR F 55 -11.66 3.52 -22.31
N GLU F 56 -11.03 4.69 -22.16
CA GLU F 56 -10.45 5.34 -23.32
C GLU F 56 -9.28 4.56 -23.88
N HIS F 57 -8.59 3.80 -23.03
CA HIS F 57 -7.51 2.98 -23.54
C HIS F 57 -8.04 1.78 -24.30
N ALA F 58 -9.15 1.21 -23.85
CA ALA F 58 -9.75 0.08 -24.53
C ALA F 58 -10.68 0.51 -25.64
N LYS F 59 -10.76 1.81 -25.92
CA LYS F 59 -11.53 2.40 -27.02
C LYS F 59 -13.01 2.08 -26.91
N ARG F 60 -13.54 2.08 -25.69
CA ARG F 60 -14.95 1.86 -25.49
C ARG F 60 -15.65 3.19 -25.22
N LYS F 61 -16.95 3.11 -24.95
CA LYS F 61 -17.72 4.24 -24.48
C LYS F 61 -18.46 3.96 -23.19
N THR F 62 -18.55 2.71 -22.77
CA THR F 62 -19.23 2.35 -21.55
C THR F 62 -18.21 1.97 -20.49
N VAL F 63 -18.37 2.53 -19.30
CA VAL F 63 -17.51 2.18 -18.18
C VAL F 63 -17.99 0.85 -17.62
N THR F 64 -17.15 -0.17 -17.71
CA THR F 64 -17.56 -1.48 -17.24
C THR F 64 -17.35 -1.59 -15.74
N ALA F 65 -17.73 -2.74 -15.19
CA ALA F 65 -17.52 -2.94 -13.77
C ALA F 65 -16.06 -3.22 -13.46
N MET F 66 -15.36 -3.87 -14.38
CA MET F 66 -13.96 -4.19 -14.14
C MET F 66 -13.08 -2.97 -14.21
N ASP F 67 -13.50 -1.95 -14.97
CA ASP F 67 -12.75 -0.71 -15.03
C ASP F 67 -12.80 0.03 -13.72
N VAL F 68 -13.88 -0.14 -12.96
CA VAL F 68 -13.93 0.43 -11.62
C VAL F 68 -13.03 -0.37 -10.69
N VAL F 69 -13.05 -1.70 -10.79
CA VAL F 69 -12.28 -2.54 -9.89
C VAL F 69 -10.79 -2.36 -10.13
N TYR F 70 -10.39 -2.18 -11.39
CA TYR F 70 -9.00 -1.94 -11.69
C TYR F 70 -8.54 -0.58 -11.20
N ALA F 71 -9.43 0.40 -11.19
CA ALA F 71 -9.08 1.71 -10.64
C ALA F 71 -9.00 1.65 -9.13
N LEU F 72 -9.89 0.88 -8.51
CA LEU F 72 -9.87 0.77 -7.07
C LEU F 72 -8.73 -0.08 -6.56
N LYS F 73 -8.38 -1.13 -7.29
CA LYS F 73 -7.23 -1.97 -6.90
C LYS F 73 -5.94 -1.19 -7.00
N ARG F 74 -5.88 -0.25 -7.93
CA ARG F 74 -4.69 0.58 -8.08
C ARG F 74 -4.51 1.51 -6.89
N GLN F 75 -5.59 2.03 -6.34
CA GLN F 75 -5.51 2.95 -5.22
C GLN F 75 -5.49 2.25 -3.88
N GLY F 76 -5.23 0.95 -3.84
CA GLY F 76 -5.16 0.26 -2.58
C GLY F 76 -6.48 -0.05 -1.94
N ARG F 77 -7.59 0.15 -2.63
CA ARG F 77 -8.90 -0.25 -2.14
C ARG F 77 -9.36 -1.43 -3.00
N THR F 78 -8.94 -2.62 -2.64
CA THR F 78 -9.36 -3.79 -3.40
C THR F 78 -10.79 -4.14 -3.04
N LEU F 79 -11.62 -4.32 -4.05
CA LEU F 79 -13.03 -4.59 -3.89
C LEU F 79 -13.34 -5.99 -4.39
N TYR F 80 -13.96 -6.79 -3.55
CA TYR F 80 -14.40 -8.10 -4.00
C TYR F 80 -15.86 -8.05 -4.40
N GLY F 81 -16.31 -9.10 -5.05
CA GLY F 81 -17.71 -9.24 -5.40
C GLY F 81 -18.10 -8.70 -6.74
N PHE F 82 -17.15 -8.31 -7.58
CA PHE F 82 -17.49 -7.88 -8.92
C PHE F 82 -16.58 -8.44 -9.99
N GLY F 83 -15.46 -9.04 -9.64
CA GLY F 83 -14.53 -9.57 -10.62
C GLY F 83 -15.01 -10.86 -11.26
N LYS G 1 27.93 4.33 -40.08
CA LYS G 1 27.10 5.35 -39.47
C LYS G 1 26.26 4.75 -38.36
N ALA G 2 26.65 5.01 -37.10
CA ALA G 2 25.96 4.46 -35.94
C ALA G 2 24.53 4.97 -35.81
N LYS G 3 24.39 6.27 -35.49
CA LYS G 3 23.10 6.95 -35.35
C LYS G 3 22.18 6.22 -34.37
N THR G 4 22.56 6.27 -33.10
CA THR G 4 21.79 5.64 -32.04
C THR G 4 20.38 6.20 -31.96
N ARG G 5 19.47 5.37 -31.42
CA ARG G 5 18.05 5.71 -31.44
C ARG G 5 17.72 6.89 -30.55
N SER G 6 18.49 7.09 -29.49
CA SER G 6 18.32 8.28 -28.68
C SER G 6 18.69 9.53 -29.45
N SER G 7 19.78 9.47 -30.20
CA SER G 7 20.13 10.56 -31.10
C SER G 7 19.14 10.67 -32.24
N ARG G 8 18.56 9.55 -32.66
CA ARG G 8 17.59 9.58 -33.73
C ARG G 8 16.28 10.19 -33.27
N ALA G 9 15.97 10.05 -31.98
CA ALA G 9 14.75 10.61 -31.42
C ALA G 9 14.98 11.94 -30.73
N GLY G 10 16.22 12.40 -30.65
CA GLY G 10 16.48 13.68 -30.02
C GLY G 10 16.46 13.67 -28.52
N LEU G 11 16.54 12.51 -27.89
CA LEU G 11 16.56 12.40 -26.45
C LEU G 11 17.98 12.26 -25.96
N GLN G 12 18.14 12.00 -24.66
CA GLN G 12 19.44 11.75 -24.07
C GLN G 12 19.47 10.52 -23.17
N PHE G 13 18.35 9.92 -22.88
CA PHE G 13 18.39 8.63 -22.21
C PHE G 13 18.56 7.51 -23.22
N PRO G 14 19.18 6.39 -22.83
CA PRO G 14 19.44 5.33 -23.81
C PRO G 14 18.17 4.58 -24.18
N VAL G 15 17.77 4.69 -25.43
CA VAL G 15 16.60 3.96 -25.90
C VAL G 15 16.90 2.47 -25.96
N GLY G 16 18.13 2.11 -26.29
CA GLY G 16 18.48 0.71 -26.37
C GLY G 16 18.48 0.02 -25.03
N ARG G 17 18.99 0.69 -23.99
CA ARG G 17 19.02 0.09 -22.67
C ARG G 17 17.63 -0.02 -22.08
N VAL G 18 16.74 0.89 -22.43
CA VAL G 18 15.35 0.75 -22.01
C VAL G 18 14.70 -0.42 -22.73
N HIS G 19 14.97 -0.55 -24.03
CA HIS G 19 14.36 -1.60 -24.83
C HIS G 19 14.82 -2.97 -24.39
N ARG G 20 16.07 -3.09 -23.96
CA ARG G 20 16.53 -4.37 -23.44
C ARG G 20 15.91 -4.67 -22.09
N LEU G 21 15.76 -3.65 -21.24
CA LEU G 21 15.18 -3.88 -19.93
C LEU G 21 13.69 -4.18 -20.01
N LEU G 22 13.02 -3.71 -21.05
CA LEU G 22 11.63 -4.13 -21.25
C LEU G 22 11.55 -5.59 -21.63
N ARG G 23 12.43 -6.04 -22.54
CA ARG G 23 12.35 -7.42 -22.98
C ARG G 23 12.91 -8.37 -21.94
N LYS G 24 13.93 -7.96 -21.21
CA LYS G 24 14.47 -8.80 -20.16
C LYS G 24 13.85 -8.46 -18.81
N GLY G 25 12.53 -8.33 -18.77
CA GLY G 25 11.87 -7.99 -17.53
C GLY G 25 10.56 -8.72 -17.33
N ASN G 26 10.22 -9.57 -18.30
CA ASN G 26 8.98 -10.34 -18.31
C ASN G 26 7.75 -9.45 -18.18
N TYR G 27 7.75 -8.35 -18.92
CA TYR G 27 6.59 -7.48 -18.87
C TYR G 27 5.53 -7.91 -19.86
N SER G 28 5.92 -8.31 -21.06
CA SER G 28 4.99 -8.85 -22.03
C SER G 28 5.74 -9.79 -22.94
N GLU G 29 5.00 -10.38 -23.87
CA GLU G 29 5.65 -11.22 -24.87
C GLU G 29 6.39 -10.37 -25.90
N ARG G 30 5.79 -9.28 -26.33
CA ARG G 30 6.40 -8.41 -27.31
C ARG G 30 6.49 -6.99 -26.80
N VAL G 31 7.41 -6.23 -27.37
CA VAL G 31 7.61 -4.83 -27.05
C VAL G 31 7.55 -4.06 -28.36
N GLY G 32 6.68 -3.07 -28.43
CA GLY G 32 6.57 -2.27 -29.64
C GLY G 32 7.79 -1.40 -29.86
N ALA G 33 7.92 -0.89 -31.08
CA ALA G 33 9.09 -0.11 -31.43
C ALA G 33 9.04 1.27 -30.79
N GLY G 34 7.89 1.91 -30.81
CA GLY G 34 7.78 3.23 -30.20
C GLY G 34 7.72 3.23 -28.70
N ALA G 35 7.61 2.05 -28.08
CA ALA G 35 7.47 2.00 -26.62
C ALA G 35 8.72 2.43 -25.87
N PRO G 36 9.95 1.94 -26.16
CA PRO G 36 11.08 2.45 -25.38
C PRO G 36 11.46 3.86 -25.74
N VAL G 37 11.06 4.36 -26.90
CA VAL G 37 11.22 5.77 -27.20
C VAL G 37 10.34 6.60 -26.28
N TYR G 38 9.14 6.12 -26.01
CA TYR G 38 8.20 6.91 -25.23
C TYR G 38 8.56 6.90 -23.75
N LEU G 39 9.12 5.80 -23.24
CA LEU G 39 9.61 5.80 -21.86
C LEU G 39 10.80 6.73 -21.69
N ALA G 40 11.73 6.69 -22.63
CA ALA G 40 12.96 7.45 -22.49
C ALA G 40 12.71 8.94 -22.54
N ALA G 41 11.60 9.38 -23.13
CA ALA G 41 11.25 10.78 -23.02
C ALA G 41 10.70 11.10 -21.64
N VAL G 42 9.88 10.20 -21.10
CA VAL G 42 9.23 10.45 -19.82
C VAL G 42 10.24 10.42 -18.68
N LEU G 43 11.14 9.44 -18.70
CA LEU G 43 12.16 9.38 -17.67
C LEU G 43 13.12 10.55 -17.76
N GLU G 44 13.42 10.99 -18.98
CA GLU G 44 14.26 12.16 -19.13
C GLU G 44 13.51 13.43 -18.73
N TYR G 45 12.19 13.43 -18.84
CA TYR G 45 11.44 14.61 -18.42
C TYR G 45 11.38 14.71 -16.91
N LEU G 46 11.14 13.59 -16.23
CA LEU G 46 10.98 13.67 -14.79
C LEU G 46 12.30 13.98 -14.10
N THR G 47 13.40 13.45 -14.63
CA THR G 47 14.69 13.82 -14.08
C THR G 47 15.10 15.24 -14.45
N ALA G 48 14.42 15.86 -15.40
CA ALA G 48 14.73 17.24 -15.69
C ALA G 48 14.15 18.19 -14.66
N GLU G 49 12.94 17.93 -14.20
CA GLU G 49 12.33 18.87 -13.27
C GLU G 49 12.83 18.74 -11.85
N ILE G 50 13.34 17.57 -11.46
CA ILE G 50 13.96 17.48 -10.15
C ILE G 50 15.27 18.26 -10.13
N LEU G 51 16.12 18.01 -11.13
CA LEU G 51 17.38 18.72 -11.22
C LEU G 51 17.20 20.20 -11.52
N GLU G 52 16.06 20.58 -12.10
CA GLU G 52 15.67 21.98 -12.12
C GLU G 52 15.51 22.51 -10.71
N LEU G 53 14.72 21.82 -9.88
CA LEU G 53 14.39 22.34 -8.57
C LEU G 53 15.52 22.14 -7.58
N ALA G 54 16.23 21.02 -7.66
CA ALA G 54 17.35 20.79 -6.77
C ALA G 54 18.51 21.71 -7.10
N GLY G 55 18.65 22.09 -8.36
CA GLY G 55 19.65 23.08 -8.72
C GLY G 55 19.31 24.45 -8.16
N ASN G 56 18.02 24.73 -7.99
CA ASN G 56 17.63 25.99 -7.38
C ASN G 56 17.94 25.99 -5.90
N ALA G 57 17.78 24.84 -5.24
CA ALA G 57 18.00 24.78 -3.81
C ALA G 57 19.49 24.85 -3.47
N ALA G 58 20.34 24.29 -4.31
CA ALA G 58 21.77 24.37 -4.07
C ALA G 58 22.28 25.78 -4.29
N ARG G 59 21.65 26.52 -5.20
CA ARG G 59 21.97 27.93 -5.36
C ARG G 59 21.56 28.74 -4.15
N ASP G 60 20.46 28.35 -3.52
CA ASP G 60 19.97 29.08 -2.36
C ASP G 60 20.81 28.84 -1.12
N ASN G 61 21.58 27.76 -1.09
CA ASN G 61 22.52 27.55 0.00
C ASN G 61 23.95 27.83 -0.41
N LYS G 62 24.12 28.52 -1.55
CA LYS G 62 25.42 28.99 -2.05
C LYS G 62 26.40 27.84 -2.26
N LYS G 63 25.90 26.75 -2.82
CA LYS G 63 26.71 25.59 -3.08
C LYS G 63 26.58 25.20 -4.55
N THR G 64 27.49 24.36 -5.00
CA THR G 64 27.50 23.92 -6.39
C THR G 64 27.21 22.44 -6.56
N ARG G 65 27.80 21.59 -5.73
CA ARG G 65 27.42 20.19 -5.71
C ARG G 65 26.02 20.05 -5.13
N ILE G 66 25.14 19.37 -5.86
CA ILE G 66 23.85 19.01 -5.30
C ILE G 66 24.05 17.89 -4.29
N ILE G 67 23.60 18.11 -3.06
CA ILE G 67 23.76 17.15 -1.98
C ILE G 67 22.35 16.60 -1.78
N PRO G 68 22.15 15.40 -1.22
CA PRO G 68 20.78 14.88 -1.07
C PRO G 68 19.87 15.64 -0.13
N ARG G 69 20.38 16.59 0.66
CA ARG G 69 19.48 17.54 1.30
C ARG G 69 18.71 18.34 0.27
N HIS G 70 19.38 18.71 -0.82
CA HIS G 70 18.71 19.52 -1.83
C HIS G 70 17.68 18.73 -2.61
N LEU G 71 17.87 17.42 -2.75
CA LEU G 71 16.84 16.61 -3.38
C LEU G 71 15.62 16.50 -2.50
N GLN G 72 15.83 16.45 -1.18
CA GLN G 72 14.72 16.40 -0.26
C GLN G 72 13.93 17.70 -0.28
N LEU G 73 14.63 18.83 -0.32
CA LEU G 73 13.94 20.11 -0.32
C LEU G 73 13.28 20.38 -1.66
N ALA G 74 13.80 19.82 -2.74
CA ALA G 74 13.19 20.05 -4.04
C ALA G 74 11.88 19.30 -4.17
N ILE G 75 11.82 18.09 -3.63
CA ILE G 75 10.63 17.28 -3.78
C ILE G 75 9.53 17.76 -2.85
N ARG G 76 9.87 17.95 -1.58
CA ARG G 76 8.86 18.25 -0.58
C ARG G 76 8.26 19.64 -0.72
N ASN G 77 8.94 20.55 -1.42
CA ASN G 77 8.37 21.86 -1.69
C ASN G 77 7.67 21.91 -3.04
N ASP G 78 7.36 20.75 -3.63
CA ASP G 78 6.55 20.68 -4.83
C ASP G 78 5.43 19.68 -4.58
N GLU G 79 4.18 20.16 -4.66
CA GLU G 79 3.06 19.33 -4.26
C GLU G 79 2.78 18.21 -5.25
N GLU G 80 3.19 18.35 -6.50
CA GLU G 80 2.95 17.27 -7.45
C GLU G 80 3.98 16.15 -7.27
N LEU G 81 5.21 16.50 -6.92
CA LEU G 81 6.19 15.46 -6.63
C LEU G 81 5.91 14.78 -5.30
N ASN G 82 5.23 15.48 -4.39
CA ASN G 82 4.86 14.85 -3.13
C ASN G 82 3.82 13.76 -3.33
N LYS G 83 2.89 13.98 -4.25
CA LYS G 83 1.93 12.91 -4.55
C LYS G 83 2.61 11.78 -5.30
N LEU G 84 3.66 12.08 -6.04
CA LEU G 84 4.41 11.03 -6.71
C LEU G 84 5.29 10.27 -5.74
N LEU G 85 5.89 10.96 -4.79
CA LEU G 85 6.87 10.33 -3.91
C LEU G 85 6.46 10.42 -2.46
N GLY G 86 5.19 10.14 -2.17
CA GLY G 86 4.73 10.21 -0.80
C GLY G 86 5.22 9.08 0.06
N ARG G 87 5.34 7.89 -0.49
CA ARG G 87 5.75 6.72 0.27
C ARG G 87 7.25 6.50 0.22
N VAL G 88 8.00 7.48 -0.26
CA VAL G 88 9.42 7.31 -0.53
C VAL G 88 10.21 8.13 0.48
N THR G 89 11.11 7.47 1.20
CA THR G 89 12.09 8.16 2.01
C THR G 89 13.39 8.29 1.25
N ILE G 90 14.20 9.25 1.67
CA ILE G 90 15.46 9.57 1.02
C ILE G 90 16.56 9.53 2.06
N ALA G 91 17.60 8.75 1.79
CA ALA G 91 18.74 8.69 2.69
C ALA G 91 19.47 10.03 2.69
N GLN G 92 19.81 10.50 3.90
CA GLN G 92 20.46 11.79 4.15
C GLN G 92 19.62 12.94 3.63
N GLY G 93 18.31 12.79 3.71
CA GLY G 93 17.41 13.78 3.15
C GLY G 93 16.98 14.78 4.19
N GLY G 94 16.56 14.31 5.34
CA GLY G 94 16.11 15.21 6.36
C GLY G 94 14.65 15.59 6.18
N VAL G 95 14.23 16.55 7.00
CA VAL G 95 12.86 16.99 7.07
C VAL G 95 12.83 18.45 6.66
N LEU G 96 11.71 18.89 6.10
CA LEU G 96 11.47 20.32 5.91
C LEU G 96 11.50 21.05 7.24
N PRO G 97 12.00 22.27 7.27
CA PRO G 97 11.85 23.08 8.48
C PRO G 97 10.41 23.52 8.68
N ASN G 98 9.75 22.95 9.68
CA ASN G 98 8.32 23.20 9.86
C ASN G 98 8.01 23.12 11.34
N ILE G 99 7.66 24.26 11.94
CA ILE G 99 7.25 24.34 13.32
C ILE G 99 5.79 24.74 13.35
N GLN G 100 4.99 24.02 14.13
CA GLN G 100 3.58 24.33 14.25
C GLN G 100 3.38 25.66 14.95
N ALA G 101 2.41 26.43 14.47
CA ALA G 101 2.24 27.80 14.93
C ALA G 101 1.72 27.91 16.35
N VAL G 102 1.16 26.82 16.89
CA VAL G 102 0.68 26.84 18.27
C VAL G 102 1.86 26.88 19.23
N LEU G 103 2.96 26.25 18.86
CA LEU G 103 4.11 26.11 19.76
C LEU G 103 4.92 27.38 19.89
N LEU G 104 4.70 28.35 19.03
CA LEU G 104 5.50 29.56 19.07
C LEU G 104 5.03 30.50 20.17
N PRO G 105 5.95 31.25 20.78
CA PRO G 105 5.55 32.25 21.78
C PRO G 105 4.89 33.45 21.11
N LYS G 106 3.93 34.06 21.80
CA LYS G 106 3.45 33.67 23.13
C LYS G 106 1.93 33.58 23.16
N LYS H 1 23.44 -3.28 -18.00
CA LYS H 1 23.00 -2.14 -17.22
C LYS H 1 23.73 -2.07 -15.88
N GLU H 2 24.34 -0.95 -15.61
CA GLU H 2 24.81 -0.73 -14.26
C GLU H 2 24.36 0.61 -13.68
N SER H 3 24.22 1.64 -14.49
CA SER H 3 23.84 2.94 -13.96
C SER H 3 23.18 3.80 -15.02
N TYR H 4 22.73 4.97 -14.58
CA TYR H 4 22.28 6.04 -15.45
C TYR H 4 23.09 7.30 -15.25
N SER H 5 24.21 7.20 -14.53
CA SER H 5 24.90 8.38 -14.02
C SER H 5 25.52 9.21 -15.13
N VAL H 6 25.83 8.58 -16.27
CA VAL H 6 26.26 9.35 -17.42
C VAL H 6 25.11 10.18 -17.95
N TYR H 7 23.93 9.59 -18.01
CA TYR H 7 22.81 10.24 -18.65
C TYR H 7 22.20 11.29 -17.74
N VAL H 8 22.21 11.05 -16.44
CA VAL H 8 21.78 12.05 -15.47
C VAL H 8 22.68 13.28 -15.54
N TYR H 9 23.98 13.05 -15.66
CA TYR H 9 24.92 14.15 -15.67
C TYR H 9 24.83 14.95 -16.96
N LYS H 10 24.37 14.33 -18.04
CA LYS H 10 24.17 15.08 -19.27
C LYS H 10 22.97 16.01 -19.15
N VAL H 11 21.92 15.56 -18.45
CA VAL H 11 20.75 16.40 -18.27
C VAL H 11 21.07 17.55 -17.32
N LEU H 12 21.88 17.28 -16.30
CA LEU H 12 22.23 18.29 -15.31
C LEU H 12 23.04 19.41 -15.92
N LYS H 13 24.02 19.07 -16.77
CA LYS H 13 24.76 20.10 -17.49
C LYS H 13 23.88 20.82 -18.49
N GLN H 14 22.82 20.19 -18.94
CA GLN H 14 21.93 20.86 -19.86
C GLN H 14 21.03 21.85 -19.15
N VAL H 15 20.61 21.55 -17.92
CA VAL H 15 19.68 22.43 -17.22
C VAL H 15 20.44 23.50 -16.47
N HIS H 16 21.25 23.09 -15.49
CA HIS H 16 22.12 24.02 -14.78
C HIS H 16 23.54 23.78 -15.25
N PRO H 17 24.06 24.60 -16.15
CA PRO H 17 25.37 24.30 -16.76
C PRO H 17 26.56 24.56 -15.85
N ASP H 18 26.33 24.87 -14.59
CA ASP H 18 27.40 25.17 -13.66
C ASP H 18 27.42 24.28 -12.43
N THR H 19 26.27 23.78 -12.00
CA THR H 19 26.21 23.04 -10.75
C THR H 19 26.75 21.63 -10.92
N GLY H 20 27.04 21.00 -9.80
CA GLY H 20 27.54 19.64 -9.82
C GLY H 20 26.70 18.75 -8.94
N ILE H 21 27.12 17.51 -8.74
CA ILE H 21 26.33 16.55 -7.98
C ILE H 21 27.28 15.60 -7.26
N SER H 22 27.00 15.34 -5.99
CA SER H 22 27.81 14.40 -5.25
C SER H 22 27.50 12.97 -5.66
N SER H 23 28.34 12.04 -5.20
CA SER H 23 28.12 10.65 -5.55
C SER H 23 26.92 10.08 -4.84
N LYS H 24 26.70 10.49 -3.59
CA LYS H 24 25.52 10.04 -2.87
C LYS H 24 24.24 10.58 -3.47
N ALA H 25 24.28 11.80 -4.00
CA ALA H 25 23.11 12.34 -4.65
C ALA H 25 22.89 11.70 -6.01
N MET H 26 23.96 11.24 -6.65
CA MET H 26 23.80 10.51 -7.91
C MET H 26 23.18 9.15 -7.69
N GLY H 27 23.54 8.49 -6.58
CA GLY H 27 22.99 7.19 -6.29
C GLY H 27 21.51 7.23 -5.96
N ILE H 28 21.03 8.38 -5.48
CA ILE H 28 19.60 8.53 -5.27
C ILE H 28 18.89 8.73 -6.59
N MET H 29 19.46 9.56 -7.47
CA MET H 29 18.89 9.73 -8.79
C MET H 29 18.97 8.44 -9.60
N ASN H 30 19.99 7.63 -9.35
CA ASN H 30 20.07 6.34 -10.01
C ASN H 30 18.98 5.41 -9.50
N SER H 31 18.72 5.43 -8.19
CA SER H 31 17.63 4.63 -7.66
C SER H 31 16.27 5.20 -8.00
N PHE H 32 16.22 6.50 -8.25
CA PHE H 32 14.96 7.14 -8.62
C PHE H 32 14.49 6.70 -9.99
N VAL H 33 15.39 6.64 -10.96
CA VAL H 33 15.01 6.28 -12.31
C VAL H 33 14.59 4.82 -12.39
N ASN H 34 15.26 3.96 -11.64
CA ASN H 34 14.87 2.56 -11.59
C ASN H 34 13.53 2.37 -10.92
N ASP H 35 13.15 3.25 -10.00
CA ASP H 35 11.88 3.07 -9.32
C ASP H 35 10.69 3.36 -10.23
N ILE H 36 10.74 4.47 -10.96
CA ILE H 36 9.63 4.80 -11.84
C ILE H 36 9.58 3.88 -13.04
N PHE H 37 10.72 3.27 -13.39
CA PHE H 37 10.77 2.35 -14.51
C PHE H 37 9.87 1.15 -14.30
N GLU H 38 10.02 0.44 -13.18
CA GLU H 38 9.04 -0.61 -12.96
C GLU H 38 7.75 -0.12 -12.32
N ARG H 39 7.62 1.18 -12.03
CA ARG H 39 6.28 1.68 -11.79
C ARG H 39 5.51 1.77 -13.09
N ILE H 40 6.14 2.29 -14.14
CA ILE H 40 5.43 2.45 -15.40
C ILE H 40 5.31 1.12 -16.11
N ALA H 41 6.45 0.45 -16.32
CA ALA H 41 6.45 -0.79 -17.10
C ALA H 41 5.73 -1.90 -16.35
N GLY H 42 5.84 -1.91 -15.03
CA GLY H 42 5.12 -2.90 -14.26
C GLY H 42 3.63 -2.70 -14.27
N GLU H 43 3.17 -1.48 -14.53
CA GLU H 43 1.75 -1.22 -14.60
C GLU H 43 1.23 -1.24 -16.02
N ALA H 44 2.04 -0.81 -16.99
CA ALA H 44 1.65 -0.95 -18.39
C ALA H 44 1.61 -2.40 -18.83
N SER H 45 2.35 -3.27 -18.15
CA SER H 45 2.21 -4.70 -18.39
C SER H 45 0.82 -5.19 -18.00
N ARG H 46 0.25 -4.61 -16.95
CA ARG H 46 -1.07 -5.02 -16.50
C ARG H 46 -2.16 -4.55 -17.45
N LEU H 47 -1.91 -3.49 -18.21
CA LEU H 47 -2.88 -3.06 -19.21
C LEU H 47 -2.94 -4.02 -20.38
N ALA H 48 -1.85 -4.73 -20.67
CA ALA H 48 -1.87 -5.69 -21.76
C ALA H 48 -2.72 -6.90 -21.40
N HIS H 49 -2.65 -7.36 -20.16
CA HIS H 49 -3.48 -8.47 -19.74
C HIS H 49 -4.92 -8.09 -19.57
N TYR H 50 -5.20 -6.83 -19.30
CA TYR H 50 -6.59 -6.42 -19.13
C TYR H 50 -7.29 -6.29 -20.47
N ASN H 51 -6.52 -6.19 -21.54
CA ASN H 51 -7.08 -6.14 -22.88
C ASN H 51 -6.70 -7.36 -23.70
N LYS H 52 -6.12 -8.37 -23.06
CA LYS H 52 -5.74 -9.64 -23.66
C LYS H 52 -4.79 -9.47 -24.85
N ARG H 53 -3.90 -8.48 -24.76
CA ARG H 53 -2.92 -8.28 -25.82
C ARG H 53 -1.56 -8.82 -25.38
N SER H 54 -0.60 -8.69 -26.27
CA SER H 54 0.73 -9.25 -26.03
C SER H 54 1.85 -8.28 -26.35
N THR H 55 1.55 -7.13 -26.94
CA THR H 55 2.56 -6.12 -27.24
C THR H 55 2.35 -4.95 -26.30
N ILE H 56 3.45 -4.31 -25.90
CA ILE H 56 3.40 -3.04 -25.22
C ILE H 56 3.78 -1.96 -26.22
N THR H 57 2.86 -1.06 -26.50
CA THR H 57 3.08 0.00 -27.45
C THR H 57 3.27 1.32 -26.72
N SER H 58 3.39 2.39 -27.50
CA SER H 58 3.41 3.71 -26.90
C SER H 58 2.06 4.07 -26.31
N ARG H 59 0.98 3.56 -26.91
CA ARG H 59 -0.35 3.77 -26.37
C ARG H 59 -0.50 3.10 -25.02
N GLU H 60 0.15 1.95 -24.82
CA GLU H 60 0.09 1.25 -23.55
C GLU H 60 0.83 2.02 -22.47
N ILE H 61 1.84 2.79 -22.84
CA ILE H 61 2.59 3.55 -21.85
C ILE H 61 1.93 4.91 -21.59
N GLN H 62 1.35 5.51 -22.61
CA GLN H 62 0.72 6.82 -22.48
C GLN H 62 -0.43 6.80 -21.48
N THR H 63 -1.23 5.74 -21.49
CA THR H 63 -2.26 5.64 -20.47
C THR H 63 -1.68 5.24 -19.13
N ALA H 64 -0.55 4.55 -19.13
CA ALA H 64 0.09 4.21 -17.86
C ALA H 64 0.74 5.42 -17.24
N VAL H 65 1.14 6.40 -18.04
CA VAL H 65 1.65 7.65 -17.50
C VAL H 65 0.53 8.45 -16.87
N ARG H 66 -0.62 8.49 -17.52
CA ARG H 66 -1.76 9.23 -17.00
C ARG H 66 -2.31 8.65 -15.71
N LEU H 67 -2.07 7.37 -15.47
CA LEU H 67 -2.45 6.82 -14.17
C LEU H 67 -1.46 7.24 -13.10
N LEU H 68 -0.17 7.21 -13.40
CA LEU H 68 0.82 7.41 -12.36
C LEU H 68 1.08 8.88 -12.05
N LEU H 69 1.28 9.68 -13.05
CA LEU H 69 1.77 11.01 -12.72
C LEU H 69 0.61 11.93 -12.42
N PRO H 70 0.59 12.58 -11.27
CA PRO H 70 -0.56 13.41 -10.90
C PRO H 70 -0.46 14.83 -11.43
N GLY H 71 -1.61 15.36 -11.85
CA GLY H 71 -1.69 16.77 -12.14
C GLY H 71 -0.99 17.16 -13.42
N GLU H 72 -0.23 18.25 -13.35
CA GLU H 72 0.43 18.78 -14.52
C GLU H 72 1.62 17.96 -14.96
N LEU H 73 2.10 17.05 -14.12
CA LEU H 73 3.13 16.12 -14.58
C LEU H 73 2.59 15.19 -15.65
N ALA H 74 1.31 14.85 -15.57
CA ALA H 74 0.70 14.08 -16.64
C ALA H 74 0.60 14.89 -17.91
N LYS H 75 0.13 16.14 -17.82
CA LYS H 75 -0.09 16.94 -19.01
C LYS H 75 1.18 17.35 -19.70
N HIS H 76 2.30 17.35 -19.00
CA HIS H 76 3.56 17.66 -19.66
C HIS H 76 4.25 16.43 -20.22
N ALA H 77 4.32 15.35 -19.45
CA ALA H 77 5.07 14.19 -19.88
C ALA H 77 4.42 13.49 -21.06
N VAL H 78 3.08 13.52 -21.12
CA VAL H 78 2.39 12.99 -22.30
C VAL H 78 2.70 13.84 -23.50
N SER H 79 2.66 15.16 -23.34
CA SER H 79 3.06 16.06 -24.42
C SER H 79 4.54 15.95 -24.72
N GLU H 80 5.33 15.58 -23.73
CA GLU H 80 6.75 15.39 -23.96
C GLU H 80 7.03 14.14 -24.78
N GLY H 81 6.36 13.05 -24.44
CA GLY H 81 6.66 11.79 -25.09
C GLY H 81 6.18 11.72 -26.53
N THR H 82 5.06 12.37 -26.82
CA THR H 82 4.56 12.37 -28.19
C THR H 82 5.42 13.20 -29.10
N LYS H 83 6.15 14.19 -28.57
CA LYS H 83 7.14 14.88 -29.38
C LYS H 83 8.27 13.94 -29.75
N ALA H 84 8.64 13.03 -28.84
CA ALA H 84 9.76 12.16 -29.09
C ALA H 84 9.40 11.09 -30.12
N VAL H 85 8.16 10.61 -30.10
CA VAL H 85 7.77 9.55 -31.01
C VAL H 85 7.64 10.09 -32.43
N THR H 86 7.01 11.25 -32.58
CA THR H 86 6.85 11.84 -33.90
C THR H 86 8.19 12.28 -34.49
N LYS H 87 9.13 12.70 -33.64
CA LYS H 87 10.47 12.96 -34.15
C LYS H 87 11.17 11.65 -34.52
N TYR H 88 10.88 10.58 -33.81
CA TYR H 88 11.55 9.31 -34.07
C TYR H 88 11.09 8.70 -35.38
N THR H 89 9.78 8.75 -35.65
CA THR H 89 9.27 8.12 -36.86
C THR H 89 9.57 8.96 -38.09
N SER H 90 9.64 10.29 -37.94
CA SER H 90 9.92 11.13 -39.09
C SER H 90 11.38 11.07 -39.51
N ALA H 91 12.26 10.76 -38.57
CA ALA H 91 13.68 10.66 -38.88
C ALA H 91 14.04 9.22 -39.22
N HIS I 1 -15.09 -34.78 10.97
CA HIS I 1 -14.04 -33.77 10.85
C HIS I 1 -13.28 -33.92 9.54
N ALA I 2 -13.17 -32.82 8.79
CA ALA I 2 -12.39 -32.89 7.57
C ALA I 2 -10.91 -32.76 7.85
N TRP I 3 -10.48 -31.59 8.30
CA TRP I 3 -9.06 -31.36 8.57
C TRP I 3 -8.90 -30.50 9.81
N THR I 4 -8.64 -31.16 10.93
CA THR I 4 -8.44 -30.44 12.18
C THR I 4 -6.96 -30.18 12.47
N HIS I 5 -6.11 -31.17 12.20
CA HIS I 5 -4.67 -31.00 12.32
C HIS I 5 -4.13 -30.04 11.27
N ARG I 6 -4.76 -29.99 10.10
CA ARG I 6 -4.34 -29.06 9.09
C ARG I 6 -4.72 -27.63 9.42
N LEU I 7 -5.94 -27.39 9.89
CA LEU I 7 -6.39 -26.05 10.17
C LEU I 7 -5.89 -25.62 11.53
N ARG I 8 -5.93 -24.31 11.76
CA ARG I 8 -5.53 -23.77 13.04
C ARG I 8 -6.74 -23.17 13.74
N GLU I 9 -7.03 -23.71 14.92
CA GLU I 9 -7.84 -23.02 15.92
C GLU I 9 -7.49 -23.64 17.25
N ARG I 10 -6.83 -22.86 18.10
CA ARG I 10 -6.46 -23.31 19.42
C ARG I 10 -7.18 -22.49 20.49
N LYS I 11 -7.01 -21.18 20.46
CA LYS I 11 -7.72 -20.31 21.36
C LYS I 11 -8.35 -19.19 20.56
N GLN I 12 -9.64 -18.95 20.77
CA GLN I 12 -10.45 -19.68 21.74
C GLN I 12 -11.78 -20.01 21.12
N LEU I 13 -12.60 -20.74 21.87
CA LEU I 13 -14.00 -20.93 21.50
C LEU I 13 -14.71 -19.58 21.64
N VAL I 14 -15.20 -19.05 20.54
CA VAL I 14 -15.90 -17.78 20.57
C VAL I 14 -17.35 -17.98 20.15
#